data_8JOO
#
_entry.id   8JOO
#
_cell.length_a   92.174
_cell.length_b   82.121
_cell.length_c   143.920
_cell.angle_alpha   90.00
_cell.angle_beta   94.41
_cell.angle_gamma   90.00
#
_symmetry.space_group_name_H-M   'I 1 2 1'
#
loop_
_entity.id
_entity.type
_entity.pdbx_description
1 polymer 'Cytochrome P450'
2 non-polymer 'PROTOPORPHYRIN IX CONTAINING FE'
3 non-polymer (1Z,3E,5S,7R,8R,10R,11R,12S,15R,16S,18Z,25S)-11-ethyl-2-hydroxy-10-methyl-21,26-diazapentacyclo[23.2.1.05,16.07,15.08,12]octacosa-1(2),3,13,18-tetraene-20,27,28-trione
4 non-polymer 'FORMIC ACID'
5 non-polymer 'SODIUM ION'
6 water water
#
_entity_poly.entity_id   1
_entity_poly.type   'polypeptide(L)'
_entity_poly.pdbx_seq_one_letter_code
;MPGQQEQQAPSEHPEQQELLTFPFASTGLEFPPVYHELYQQRLTKVRLPYGDDAYLAIRYADVKTVLSDSRFSIVASLGQ
DQPRTRAGARVGNGLFSLDPPQHSRLRSVLGRDFTPRRVEKLRERVRELTDQCLDRMEAAGSPADLVAHLAVPMPTAVVC
EMMGVPEPDHHLFWGWAETILSNDTTPDDLIRRYQEFTAYMGAMVEERRARPTDDMFGMLVRACDEEGRITEIEMHALAS
DLLSAGFVSTAHQIANFTAMLLARPERLQPLVDKPEQIPAAVEELMRHVPILSGFSFPRYATEDLEMSGVTVRRGEAVIP
VIAAANRDPDVYPDAGRLDLERNGLPHLGFGQGPHFCIGAHLARVELQVVLEALTERFPDLRFGIPENALKWKRGHFMNG
LHELPVAW
;
_entity_poly.pdbx_strand_id   A,B
#
loop_
_chem_comp.id
_chem_comp.type
_chem_comp.name
_chem_comp.formula
EIA non-polymer (1Z,3E,5S,7R,8R,10R,11R,12S,15R,16S,18Z,25S)-11-ethyl-2-hydroxy-10-methyl-21,26-diazapentacyclo[23.2.1.05,16.07,15.08,12]octacosa-1(2),3,13,18-tetraene-20,27,28-trione 'C29 H38 N2 O4'
FMT non-polymer 'FORMIC ACID' 'C H2 O2'
HEM non-polymer 'PROTOPORPHYRIN IX CONTAINING FE' 'C34 H32 Fe N4 O4'
NA non-polymer 'SODIUM ION' 'Na 1'
#
# COMPACT_ATOMS: atom_id res chain seq x y z
N LEU A 19 -4.97 19.49 -27.79
CA LEU A 19 -5.07 18.48 -26.74
C LEU A 19 -6.13 18.82 -25.69
N LEU A 20 -6.67 17.78 -25.08
CA LEU A 20 -7.49 17.93 -23.88
C LEU A 20 -6.78 18.80 -22.85
N THR A 21 -7.51 19.74 -22.28
CA THR A 21 -6.98 20.59 -21.21
C THR A 21 -7.20 19.93 -19.86
N PHE A 22 -6.24 20.15 -18.95
CA PHE A 22 -6.26 19.58 -17.62
C PHE A 22 -5.58 20.62 -16.73
N PRO A 23 -6.06 20.84 -15.49
CA PRO A 23 -7.15 20.14 -14.81
C PRO A 23 -8.55 20.34 -15.42
N PHE A 24 -9.48 19.48 -15.03
CA PHE A 24 -10.84 19.48 -15.57
C PHE A 24 -11.77 20.35 -14.73
N ALA A 25 -12.88 20.73 -15.35
CA ALA A 25 -13.87 21.55 -14.66
C ALA A 25 -14.53 20.77 -13.54
N SER A 26 -14.67 21.42 -12.38
CA SER A 26 -15.31 20.83 -11.21
C SER A 26 -15.49 21.93 -10.19
N THR A 27 -16.48 21.75 -9.32
CA THR A 27 -16.73 22.68 -8.23
C THR A 27 -16.89 21.91 -6.92
N GLY A 28 -16.34 22.46 -5.85
CA GLY A 28 -16.40 21.77 -4.56
C GLY A 28 -15.61 20.47 -4.61
N LEU A 29 -16.18 19.44 -3.99
CA LEU A 29 -15.62 18.09 -4.00
C LEU A 29 -16.24 17.23 -5.09
N GLU A 30 -16.85 17.88 -6.08
CA GLU A 30 -17.37 17.22 -7.27
C GLU A 30 -16.27 16.42 -7.98
N PHE A 31 -16.58 15.16 -8.27
CA PHE A 31 -15.76 14.34 -9.17
C PHE A 31 -16.28 14.50 -10.59
N PRO A 32 -15.53 15.06 -11.52
CA PRO A 32 -16.11 15.41 -12.83
C PRO A 32 -16.31 14.18 -13.70
N PRO A 33 -17.39 14.18 -14.49
CA PRO A 33 -17.77 12.97 -15.24
C PRO A 33 -16.80 12.60 -16.37
N VAL A 34 -15.87 13.49 -16.72
CA VAL A 34 -14.93 13.19 -17.80
C VAL A 34 -14.11 11.95 -17.48
N TYR A 35 -13.89 11.66 -16.19
CA TYR A 35 -13.08 10.51 -15.83
C TYR A 35 -13.75 9.20 -16.22
N HIS A 36 -15.07 9.14 -16.12
CA HIS A 36 -15.76 7.92 -16.52
C HIS A 36 -15.53 7.62 -18.00
N GLU A 37 -15.27 8.65 -18.79
CA GLU A 37 -14.87 8.44 -20.17
C GLU A 37 -13.46 7.89 -20.26
N LEU A 38 -12.53 8.50 -19.52
CA LEU A 38 -11.11 8.19 -19.73
C LEU A 38 -10.74 6.81 -19.20
N TYR A 39 -11.46 6.29 -18.20
CA TYR A 39 -11.11 4.98 -17.66
C TYR A 39 -11.16 3.92 -18.76
N GLN A 40 -12.14 4.02 -19.66
CA GLN A 40 -12.29 3.05 -20.73
C GLN A 40 -11.32 3.30 -21.88
N GLN A 41 -10.56 4.39 -21.84
CA GLN A 41 -9.70 4.78 -22.96
C GLN A 41 -8.24 4.56 -22.62
N ARG A 42 -7.43 4.45 -23.67
CA ARG A 42 -5.99 4.39 -23.52
C ARG A 42 -5.47 5.68 -22.90
N LEU A 43 -4.26 5.60 -22.34
CA LEU A 43 -3.60 6.76 -21.75
C LEU A 43 -3.68 7.95 -22.68
N THR A 44 -4.16 9.08 -22.16
CA THR A 44 -4.38 10.25 -22.99
C THR A 44 -3.47 11.40 -22.57
N LYS A 45 -2.96 12.12 -23.57
CA LYS A 45 -2.10 13.27 -23.35
C LYS A 45 -2.92 14.52 -23.14
N VAL A 46 -2.44 15.41 -22.28
CA VAL A 46 -3.14 16.64 -21.97
C VAL A 46 -2.16 17.81 -21.99
N ARG A 47 -2.71 19.01 -22.13
CA ARG A 47 -1.97 20.25 -22.00
C ARG A 47 -2.29 20.89 -20.66
N LEU A 48 -1.29 21.50 -20.05
CA LEU A 48 -1.39 22.06 -18.71
C LEU A 48 -1.27 23.58 -18.75
N PRO A 49 -1.66 24.26 -17.66
CA PRO A 49 -1.54 25.73 -17.65
C PRO A 49 -0.14 26.23 -17.96
N TYR A 50 0.90 25.59 -17.41
CA TYR A 50 2.27 25.99 -17.67
C TYR A 50 3.10 24.74 -17.93
N GLY A 51 4.20 24.93 -18.64
CA GLY A 51 5.12 23.84 -18.90
C GLY A 51 4.63 22.86 -19.96
N ASP A 52 5.36 21.75 -20.05
CA ASP A 52 5.14 20.80 -21.13
C ASP A 52 3.85 20.04 -20.94
N ASP A 53 3.40 19.39 -22.02
CA ASP A 53 2.29 18.46 -21.97
C ASP A 53 2.67 17.21 -21.18
N ALA A 54 1.67 16.38 -20.89
CA ALA A 54 1.89 15.21 -20.07
C ALA A 54 0.77 14.22 -20.29
N TYR A 55 1.07 12.94 -20.08
CA TYR A 55 0.04 11.93 -20.00
C TYR A 55 -0.63 11.95 -18.64
N LEU A 56 -1.88 11.49 -18.60
CA LEU A 56 -2.70 11.51 -17.39
C LEU A 56 -2.88 10.07 -16.95
N ALA A 57 -2.15 9.68 -15.91
CA ALA A 57 -2.38 8.39 -15.28
C ALA A 57 -3.62 8.46 -14.40
N ILE A 58 -4.63 7.64 -14.71
CA ILE A 58 -5.87 7.72 -13.96
C ILE A 58 -6.28 6.36 -13.42
N ARG A 59 -5.85 5.29 -14.09
CA ARG A 59 -6.15 3.96 -13.59
C ARG A 59 -5.36 3.69 -12.31
N TYR A 60 -5.94 2.84 -11.46
CA TYR A 60 -5.33 2.53 -10.16
C TYR A 60 -3.91 2.00 -10.31
N ALA A 61 -3.72 0.98 -11.14
CA ALA A 61 -2.38 0.40 -11.31
C ALA A 61 -1.41 1.37 -11.97
N ASP A 62 -1.91 2.24 -12.85
CA ASP A 62 -1.03 3.17 -13.55
C ASP A 62 -0.52 4.27 -12.61
N VAL A 63 -1.42 4.86 -11.82
CA VAL A 63 -1.00 5.89 -10.86
C VAL A 63 -0.01 5.31 -9.87
N LYS A 64 -0.19 4.04 -9.52
CA LYS A 64 0.74 3.34 -8.65
C LYS A 64 2.10 3.18 -9.30
N THR A 65 2.10 2.83 -10.60
CA THR A 65 3.35 2.70 -11.32
C THR A 65 4.09 4.03 -11.39
N VAL A 66 3.36 5.13 -11.59
CA VAL A 66 4.01 6.44 -11.72
C VAL A 66 4.71 6.82 -10.41
N LEU A 67 4.10 6.48 -9.27
CA LEU A 67 4.60 6.95 -7.98
C LEU A 67 5.65 6.03 -7.37
N SER A 68 5.74 4.77 -7.82
CA SER A 68 6.60 3.79 -7.16
C SER A 68 7.57 3.06 -8.07
N ASP A 69 7.36 3.05 -9.39
CA ASP A 69 8.27 2.37 -10.30
C ASP A 69 9.52 3.24 -10.52
N SER A 70 10.69 2.61 -10.41
CA SER A 70 11.93 3.38 -10.56
C SER A 70 12.12 3.94 -11.96
N ARG A 71 11.33 3.49 -12.94
CA ARG A 71 11.41 4.07 -14.27
C ARG A 71 10.69 5.40 -14.39
N PHE A 72 10.10 5.90 -13.30
CA PHE A 72 9.48 7.21 -13.29
C PHE A 72 10.22 8.06 -12.26
N SER A 73 10.94 9.07 -12.76
CA SER A 73 11.72 9.99 -11.95
C SER A 73 10.92 11.27 -11.70
N ILE A 74 11.10 11.82 -10.49
CA ILE A 74 10.48 13.09 -10.15
C ILE A 74 11.33 14.26 -10.62
N VAL A 75 12.53 14.02 -11.12
CA VAL A 75 13.46 15.06 -11.52
C VAL A 75 13.39 15.20 -13.03
N ALA A 76 13.30 16.45 -13.50
CA ALA A 76 13.35 16.76 -14.94
C ALA A 76 14.80 16.92 -15.32
N SER A 77 15.47 15.82 -15.66
CA SER A 77 16.88 15.82 -15.97
C SER A 77 17.15 15.87 -17.48
N LEU A 78 16.12 16.00 -18.30
CA LEU A 78 16.25 16.03 -19.74
C LEU A 78 15.72 17.33 -20.33
N GLY A 79 15.81 18.43 -19.57
CA GLY A 79 15.38 19.72 -20.06
C GLY A 79 13.89 19.91 -20.13
N GLN A 80 13.11 19.06 -19.46
CA GLN A 80 11.67 19.28 -19.46
C GLN A 80 11.31 20.58 -18.75
N ASP A 81 10.26 21.22 -19.25
CA ASP A 81 9.63 22.37 -18.60
C ASP A 81 8.42 21.82 -17.83
N GLN A 82 8.48 21.89 -16.51
CA GLN A 82 7.64 21.08 -15.65
C GLN A 82 6.15 21.33 -15.86
N PRO A 83 5.38 20.30 -16.21
CA PRO A 83 3.91 20.45 -16.26
C PRO A 83 3.35 20.86 -14.91
N ARG A 84 2.52 21.90 -14.90
CA ARG A 84 2.11 22.48 -13.64
C ARG A 84 0.92 23.42 -13.83
N THR A 85 0.32 23.79 -12.70
CA THR A 85 -0.72 24.80 -12.62
C THR A 85 -0.22 26.10 -12.01
N ARG A 86 1.00 26.11 -11.45
CA ARG A 86 1.57 27.29 -10.84
C ARG A 86 2.56 27.95 -11.79
N ALA A 87 2.57 29.28 -11.77
CA ALA A 87 3.39 30.03 -12.74
C ALA A 87 4.86 29.66 -12.62
N GLY A 88 5.42 29.76 -11.41
CA GLY A 88 6.80 29.39 -11.18
C GLY A 88 6.95 27.93 -10.84
N ALA A 89 7.87 27.26 -11.52
CA ALA A 89 8.02 25.82 -11.36
C ALA A 89 8.45 25.47 -9.94
N ARG A 90 8.08 24.27 -9.48
CA ARG A 90 8.30 23.84 -8.10
C ARG A 90 9.69 23.20 -7.99
N VAL A 91 10.68 24.00 -7.60
CA VAL A 91 12.06 23.55 -7.54
C VAL A 91 12.68 24.00 -6.23
N GLY A 92 13.47 23.12 -5.64
CA GLY A 92 14.12 23.41 -4.38
C GLY A 92 15.12 22.32 -4.02
N ASN A 93 15.47 22.26 -2.74
CA ASN A 93 16.49 21.32 -2.28
C ASN A 93 15.92 20.27 -1.32
N GLY A 94 14.60 20.10 -1.29
CA GLY A 94 13.95 19.21 -0.36
C GLY A 94 13.60 17.87 -0.97
N LEU A 95 12.67 17.17 -0.32
CA LEU A 95 12.40 15.78 -0.65
C LEU A 95 11.73 15.62 -2.01
N PHE A 96 10.93 16.61 -2.41
CA PHE A 96 10.25 16.56 -3.71
C PHE A 96 11.19 16.84 -4.87
N SER A 97 12.45 17.19 -4.63
CA SER A 97 13.40 17.50 -5.69
C SER A 97 14.33 16.33 -5.96
N LEU A 98 14.12 15.19 -5.32
CA LEU A 98 15.10 14.11 -5.31
C LEU A 98 14.48 12.76 -5.66
N ASP A 99 15.26 11.93 -6.35
CA ASP A 99 14.99 10.52 -6.51
C ASP A 99 15.83 9.69 -5.54
N PRO A 100 15.43 8.45 -5.28
CA PRO A 100 16.31 7.54 -4.55
C PRO A 100 17.59 7.27 -5.36
N PRO A 101 18.70 6.99 -4.67
CA PRO A 101 18.85 6.86 -3.22
C PRO A 101 19.04 8.17 -2.50
N GLN A 102 19.33 9.24 -3.25
CA GLN A 102 19.51 10.54 -2.62
C GLN A 102 18.29 10.95 -1.81
N HIS A 103 17.10 10.78 -2.38
CA HIS A 103 15.89 11.06 -1.62
C HIS A 103 15.86 10.25 -0.33
N SER A 104 16.25 8.97 -0.42
CA SER A 104 16.12 8.06 0.72
C SER A 104 17.08 8.45 1.84
N ARG A 105 18.27 8.95 1.48
CA ARG A 105 19.22 9.35 2.52
C ARG A 105 18.72 10.58 3.27
N LEU A 106 18.22 11.58 2.53
CA LEU A 106 17.75 12.79 3.18
C LEU A 106 16.52 12.52 4.03
N ARG A 107 15.59 11.71 3.51
CA ARG A 107 14.35 11.46 4.24
C ARG A 107 14.61 10.68 5.52
N SER A 108 15.59 9.77 5.49
CA SER A 108 15.92 9.00 6.69
C SER A 108 16.32 9.87 7.87
N VAL A 109 16.66 11.14 7.61
CA VAL A 109 16.93 12.06 8.72
C VAL A 109 15.66 12.29 9.52
N LEU A 110 14.51 12.33 8.85
CA LEU A 110 13.24 12.54 9.52
C LEU A 110 12.54 11.23 9.86
N GLY A 111 12.90 10.14 9.19
CA GLY A 111 12.16 8.91 9.27
C GLY A 111 11.67 8.50 10.64
N ARG A 112 12.60 8.31 11.59
CA ARG A 112 12.24 7.74 12.87
C ARG A 112 11.16 8.53 13.60
N ASP A 113 11.01 9.82 13.30
CA ASP A 113 10.06 10.65 14.03
C ASP A 113 8.63 10.49 13.54
N PHE A 114 8.40 9.80 12.43
CA PHE A 114 7.05 9.70 11.86
C PHE A 114 6.54 8.27 11.74
N THR A 115 7.26 7.28 12.24
CA THR A 115 6.77 5.93 12.23
C THR A 115 5.48 5.83 13.07
N PRO A 116 4.65 4.82 12.82
CA PRO A 116 3.46 4.63 13.67
C PRO A 116 3.79 4.56 15.15
N ARG A 117 4.93 3.94 15.53
CA ARG A 117 5.27 3.79 16.95
C ARG A 117 5.53 5.14 17.60
N ARG A 118 6.14 6.07 16.87
CA ARG A 118 6.39 7.41 17.41
C ARG A 118 5.13 8.25 17.40
N VAL A 119 4.33 8.14 16.34
CA VAL A 119 3.20 9.04 16.16
C VAL A 119 2.01 8.63 17.03
N GLU A 120 1.85 7.34 17.32
CA GLU A 120 0.80 6.95 18.25
C GLU A 120 0.97 7.64 19.59
N LYS A 121 2.20 8.04 19.93
CA LYS A 121 2.47 8.72 21.19
C LYS A 121 1.89 10.12 21.23
N LEU A 122 1.65 10.75 20.08
CA LEU A 122 1.13 12.10 20.01
C LEU A 122 -0.39 12.15 20.09
N ARG A 123 -1.05 10.99 20.11
CA ARG A 123 -2.51 10.95 20.10
C ARG A 123 -3.10 11.77 21.24
N GLU A 124 -2.53 11.62 22.45
CA GLU A 124 -3.01 12.35 23.62
C GLU A 124 -2.96 13.86 23.40
N ARG A 125 -1.81 14.36 22.94
CA ARG A 125 -1.67 15.80 22.73
C ARG A 125 -2.59 16.29 21.63
N VAL A 126 -2.80 15.47 20.59
CA VAL A 126 -3.66 15.88 19.48
C VAL A 126 -5.08 16.09 19.97
N ARG A 127 -5.56 15.19 20.84
CA ARG A 127 -6.86 15.36 21.46
C ARG A 127 -6.91 16.58 22.36
N GLU A 128 -5.82 16.83 23.10
CA GLU A 128 -5.75 18.01 23.96
C GLU A 128 -5.98 19.27 23.16
N LEU A 129 -5.21 19.46 22.08
CA LEU A 129 -5.36 20.66 21.26
C LEU A 129 -6.72 20.70 20.58
N THR A 130 -7.21 19.54 20.13
CA THR A 130 -8.54 19.48 19.54
C THR A 130 -9.60 19.88 20.56
N ASP A 131 -9.48 19.41 21.80
CA ASP A 131 -10.41 19.81 22.85
C ASP A 131 -10.36 21.32 23.05
N GLN A 132 -9.16 21.89 23.11
CA GLN A 132 -9.03 23.32 23.36
C GLN A 132 -9.67 24.13 22.24
N CYS A 133 -9.51 23.68 21.00
CA CYS A 133 -10.12 24.38 19.88
C CYS A 133 -11.65 24.38 20.01
N LEU A 134 -12.21 23.23 20.38
CA LEU A 134 -13.67 23.12 20.44
C LEU A 134 -14.24 23.86 21.63
N ASP A 135 -13.50 23.95 22.74
CA ASP A 135 -13.89 24.83 23.83
C ASP A 135 -14.09 26.25 23.31
N ARG A 136 -13.11 26.77 22.59
CA ARG A 136 -13.23 28.09 22.00
C ARG A 136 -14.39 28.15 21.00
N MET A 137 -14.52 27.14 20.15
CA MET A 137 -15.63 27.13 19.20
C MET A 137 -16.97 27.19 19.93
N GLU A 138 -17.17 26.30 20.90
CA GLU A 138 -18.42 26.29 21.65
C GLU A 138 -18.63 27.60 22.42
N ALA A 139 -17.55 28.16 22.98
CA ALA A 139 -17.64 29.44 23.67
C ALA A 139 -18.14 30.53 22.74
N ALA A 140 -17.77 30.46 21.45
CA ALA A 140 -18.17 31.49 20.52
C ALA A 140 -19.66 31.44 20.19
N GLY A 141 -20.29 30.29 20.34
CA GLY A 141 -21.73 30.21 20.17
C GLY A 141 -22.13 29.67 18.82
N SER A 142 -23.24 28.93 18.80
CA SER A 142 -23.81 28.39 17.58
C SER A 142 -24.56 29.48 16.82
N PRO A 143 -24.41 29.55 15.48
CA PRO A 143 -23.53 28.73 14.62
C PRO A 143 -22.10 29.29 14.55
N ALA A 144 -21.10 28.42 14.43
CA ALA A 144 -19.70 28.83 14.45
C ALA A 144 -18.92 28.21 13.31
N ASP A 145 -17.81 28.85 12.96
CA ASP A 145 -16.99 28.46 11.82
C ASP A 145 -15.98 27.41 12.26
N LEU A 146 -16.24 26.15 11.89
CA LEU A 146 -15.32 25.07 12.24
C LEU A 146 -13.95 25.26 11.60
N VAL A 147 -13.89 25.91 10.43
CA VAL A 147 -12.62 26.08 9.76
C VAL A 147 -11.70 26.97 10.59
N ALA A 148 -12.20 28.13 11.02
CA ALA A 148 -11.37 29.06 11.77
C ALA A 148 -11.14 28.59 13.20
N HIS A 149 -12.10 27.86 13.78
CA HIS A 149 -12.00 27.47 15.18
C HIS A 149 -11.27 26.14 15.37
N LEU A 150 -11.17 25.30 14.34
CA LEU A 150 -10.55 24.00 14.52
C LEU A 150 -9.67 23.57 13.36
N ALA A 151 -10.22 23.53 12.14
CA ALA A 151 -9.49 22.96 11.03
C ALA A 151 -8.13 23.65 10.85
N VAL A 152 -8.09 24.97 10.97
CA VAL A 152 -6.86 25.72 10.75
C VAL A 152 -5.95 25.61 11.97
N PRO A 153 -6.42 25.91 13.18
CA PRO A 153 -5.49 25.98 14.31
C PRO A 153 -4.91 24.64 14.73
N MET A 154 -5.71 23.57 14.75
CA MET A 154 -5.23 22.33 15.36
C MET A 154 -4.05 21.71 14.61
N PRO A 155 -4.16 21.39 13.32
CA PRO A 155 -3.00 20.81 12.62
C PRO A 155 -1.82 21.76 12.57
N THR A 156 -2.07 23.08 12.56
CA THR A 156 -0.98 24.04 12.62
C THR A 156 -0.23 23.92 13.94
N ALA A 157 -0.98 23.88 15.05
CA ALA A 157 -0.35 23.78 16.36
C ALA A 157 0.44 22.48 16.50
N VAL A 158 -0.06 21.40 15.91
CA VAL A 158 0.57 20.10 16.11
C VAL A 158 2.00 20.12 15.56
N VAL A 159 2.16 20.48 14.28
CA VAL A 159 3.49 20.36 13.67
C VAL A 159 4.40 21.49 14.16
N CYS A 160 3.85 22.68 14.39
CA CYS A 160 4.70 23.79 14.82
C CYS A 160 5.33 23.51 16.18
N GLU A 161 4.58 22.87 17.08
CA GLU A 161 5.16 22.50 18.37
C GLU A 161 5.99 21.23 18.29
N MET A 162 5.77 20.38 17.29
CA MET A 162 6.72 19.32 16.98
C MET A 162 8.07 19.90 16.57
N MET A 163 8.06 20.91 15.71
CA MET A 163 9.30 21.51 15.22
C MET A 163 9.95 22.40 16.27
N GLY A 164 9.14 23.15 17.01
CA GLY A 164 9.65 24.10 17.98
C GLY A 164 9.29 25.53 17.65
N VAL A 165 8.24 25.73 16.87
CA VAL A 165 7.79 27.06 16.49
C VAL A 165 6.78 27.56 17.53
N PRO A 166 6.95 28.77 18.07
CA PRO A 166 6.01 29.28 19.06
C PRO A 166 4.67 29.64 18.45
N GLU A 167 3.63 29.62 19.29
CA GLU A 167 2.26 29.76 18.80
C GLU A 167 2.03 31.04 18.03
N PRO A 168 2.43 32.22 18.53
CA PRO A 168 2.05 33.48 17.84
C PRO A 168 2.70 33.66 16.47
N ASP A 169 3.66 32.81 16.09
CA ASP A 169 4.29 32.87 14.77
C ASP A 169 3.65 31.90 13.78
N HIS A 170 2.58 31.22 14.19
CA HIS A 170 1.91 30.30 13.29
C HIS A 170 1.39 31.00 12.05
N HIS A 171 0.86 32.21 12.19
CA HIS A 171 0.32 32.94 11.04
C HIS A 171 1.38 33.10 9.95
N LEU A 172 2.64 33.26 10.34
CA LEU A 172 3.69 33.43 9.35
C LEU A 172 3.84 32.19 8.48
N PHE A 173 3.78 31.01 9.09
CA PHE A 173 3.94 29.77 8.34
C PHE A 173 2.70 29.42 7.53
N TRP A 174 1.53 29.91 7.93
CA TRP A 174 0.36 29.79 7.05
C TRP A 174 0.52 30.65 5.82
N GLY A 175 0.99 31.89 5.98
CA GLY A 175 1.21 32.74 4.81
C GLY A 175 2.24 32.18 3.85
N TRP A 176 3.32 31.61 4.37
CA TRP A 176 4.33 31.00 3.52
C TRP A 176 3.78 29.75 2.83
N ALA A 177 2.97 28.97 3.53
CA ALA A 177 2.44 27.75 2.94
C ALA A 177 1.46 28.08 1.81
N GLU A 178 0.62 29.10 1.99
CA GLU A 178 -0.38 29.41 0.98
C GLU A 178 0.25 29.94 -0.30
N THR A 179 1.38 30.65 -0.22
CA THR A 179 2.04 31.10 -1.43
C THR A 179 2.59 29.92 -2.23
N ILE A 180 3.09 28.90 -1.52
CA ILE A 180 3.56 27.69 -2.20
C ILE A 180 2.42 27.03 -2.96
N LEU A 181 1.22 27.05 -2.40
CA LEU A 181 0.10 26.32 -2.95
C LEU A 181 -0.79 27.17 -3.84
N SER A 182 -0.55 28.47 -3.93
CA SER A 182 -1.36 29.35 -4.76
C SER A 182 -0.87 29.28 -6.20
N ASN A 183 -1.80 29.03 -7.13
CA ASN A 183 -1.46 28.91 -8.54
C ASN A 183 -1.05 30.23 -9.16
N ASP A 184 -1.30 31.36 -8.50
CA ASP A 184 -0.92 32.67 -9.01
C ASP A 184 0.41 33.16 -8.43
N THR A 185 1.28 32.25 -8.00
CA THR A 185 2.58 32.60 -7.44
C THR A 185 3.63 32.61 -8.54
N THR A 186 4.33 33.72 -8.69
CA THR A 186 5.43 33.81 -9.63
C THR A 186 6.74 33.39 -8.98
N PRO A 187 7.78 33.14 -9.77
CA PRO A 187 9.12 32.94 -9.19
C PRO A 187 9.52 34.03 -8.22
N ASP A 188 9.06 35.27 -8.44
CA ASP A 188 9.43 36.38 -7.56
C ASP A 188 8.82 36.19 -6.17
N ASP A 189 7.53 35.85 -6.10
CA ASP A 189 6.93 35.59 -4.80
C ASP A 189 7.64 34.45 -4.09
N LEU A 190 7.99 33.40 -4.82
CA LEU A 190 8.75 32.30 -4.25
C LEU A 190 10.10 32.77 -3.74
N ILE A 191 10.72 33.71 -4.46
CA ILE A 191 11.95 34.32 -3.97
C ILE A 191 11.68 35.01 -2.63
N ARG A 192 10.63 35.84 -2.57
CA ARG A 192 10.28 36.52 -1.33
C ARG A 192 10.06 35.51 -0.21
N ARG A 193 9.18 34.52 -0.44
CA ARG A 193 8.95 33.50 0.56
C ARG A 193 10.29 32.92 1.02
N TYR A 194 11.10 32.46 0.07
CA TYR A 194 12.38 31.84 0.42
C TYR A 194 13.20 32.79 1.27
N GLN A 195 13.25 34.06 0.88
CA GLN A 195 14.01 35.04 1.65
C GLN A 195 13.46 35.17 3.07
N GLU A 196 12.13 35.26 3.20
CA GLU A 196 11.53 35.41 4.52
C GLU A 196 11.67 34.14 5.35
N PHE A 197 11.52 32.97 4.72
CA PHE A 197 11.61 31.72 5.48
C PHE A 197 13.03 31.43 5.92
N THR A 198 14.02 31.77 5.08
CA THR A 198 15.41 31.47 5.41
C THR A 198 15.88 32.29 6.61
N ALA A 199 15.48 33.55 6.67
CA ALA A 199 15.87 34.39 7.80
C ALA A 199 15.23 33.89 9.09
N TYR A 200 13.93 33.57 9.03
CA TYR A 200 13.23 33.10 10.23
C TYR A 200 13.84 31.80 10.75
N MET A 201 13.98 30.81 9.87
CA MET A 201 14.70 29.60 10.28
C MET A 201 16.15 29.90 10.57
N GLY A 202 16.71 30.92 9.93
CA GLY A 202 18.07 31.35 10.27
C GLY A 202 18.20 31.74 11.73
N ALA A 203 17.17 32.38 12.28
CA ALA A 203 17.21 32.77 13.69
C ALA A 203 17.11 31.55 14.59
N MET A 204 16.15 30.67 14.31
CA MET A 204 15.97 29.48 15.14
C MET A 204 17.23 28.63 15.16
N VAL A 205 18.02 28.65 14.07
CA VAL A 205 19.26 27.89 14.05
C VAL A 205 20.27 28.49 15.01
N GLU A 206 20.51 29.80 14.90
CA GLU A 206 21.42 30.48 15.82
C GLU A 206 21.05 30.17 17.26
N GLU A 207 19.74 30.28 17.59
CA GLU A 207 19.30 30.12 18.97
C GLU A 207 19.49 28.70 19.46
N ARG A 208 19.23 27.70 18.62
CA ARG A 208 19.46 26.31 19.00
C ARG A 208 20.94 25.97 19.03
N ARG A 209 21.77 26.68 18.27
CA ARG A 209 23.21 26.55 18.41
C ARG A 209 23.68 27.17 19.71
N ALA A 210 22.95 28.14 20.25
CA ALA A 210 23.30 28.78 21.50
C ALA A 210 22.63 28.13 22.70
N ARG A 211 21.74 27.16 22.49
CA ARG A 211 21.18 26.33 23.56
C ARG A 211 20.35 25.19 22.98
N PRO A 212 20.74 23.93 23.19
CA PRO A 212 19.97 22.83 22.62
C PRO A 212 18.54 22.78 23.13
N THR A 213 17.66 22.21 22.30
CA THR A 213 16.28 21.92 22.70
C THR A 213 15.88 20.56 22.13
N ASP A 214 14.95 19.90 22.82
CA ASP A 214 14.52 18.54 22.47
C ASP A 214 13.33 18.53 21.51
N ASP A 215 13.28 19.46 20.56
CA ASP A 215 12.26 19.47 19.53
C ASP A 215 12.87 18.97 18.23
N MET A 216 12.12 19.08 17.13
CA MET A 216 12.53 18.43 15.89
C MET A 216 13.50 19.29 15.08
N PHE A 217 13.31 20.61 15.08
CA PHE A 217 14.31 21.46 14.44
C PHE A 217 15.64 21.37 15.17
N GLY A 218 15.59 21.21 16.50
CA GLY A 218 16.81 20.95 17.25
C GLY A 218 17.48 19.66 16.86
N MET A 219 16.71 18.63 16.49
CA MET A 219 17.35 17.41 16.01
C MET A 219 18.00 17.64 14.66
N LEU A 220 17.39 18.46 13.80
CA LEU A 220 18.00 18.81 12.54
C LEU A 220 19.32 19.54 12.74
N VAL A 221 19.38 20.40 13.76
CA VAL A 221 20.61 21.15 14.02
C VAL A 221 21.72 20.21 14.48
N ARG A 222 21.37 19.17 15.24
CA ARG A 222 22.36 18.18 15.63
C ARG A 222 22.82 17.38 14.43
N ALA A 223 21.90 17.05 13.51
CA ALA A 223 22.26 16.25 12.35
C ALA A 223 23.20 17.01 11.42
N CYS A 224 23.10 18.33 11.40
CA CYS A 224 23.98 19.14 10.56
C CYS A 224 25.31 19.42 11.25
N ASP A 225 25.27 19.85 12.51
CA ASP A 225 26.45 20.36 13.18
C ASP A 225 27.26 19.26 13.87
N GLU A 226 26.60 18.35 14.58
CA GLU A 226 27.30 17.32 15.34
C GLU A 226 27.64 16.10 14.50
N GLU A 227 26.72 15.63 13.66
CA GLU A 227 26.90 14.39 12.93
C GLU A 227 27.37 14.57 11.50
N GLY A 228 27.24 15.76 10.92
CA GLY A 228 27.62 15.95 9.54
C GLY A 228 26.83 15.12 8.56
N ARG A 229 25.68 14.60 8.97
CA ARG A 229 24.81 13.83 8.10
C ARG A 229 24.31 14.66 6.93
N ILE A 230 23.94 15.91 7.19
CA ILE A 230 23.35 16.78 6.18
C ILE A 230 24.05 18.15 6.23
N THR A 231 23.90 18.90 5.15
CA THR A 231 24.41 20.25 5.09
C THR A 231 23.36 21.26 5.55
N GLU A 232 23.77 22.52 5.67
CA GLU A 232 22.88 23.54 6.18
C GLU A 232 21.65 23.70 5.29
N ILE A 233 21.85 23.78 3.97
CA ILE A 233 20.70 24.01 3.10
C ILE A 233 19.77 22.80 3.10
N GLU A 234 20.32 21.59 3.27
CA GLU A 234 19.46 20.42 3.42
C GLU A 234 18.66 20.51 4.73
N MET A 235 19.31 20.91 5.81
CA MET A 235 18.63 21.13 7.09
C MET A 235 17.47 22.09 6.91
N HIS A 236 17.71 23.22 6.26
CA HIS A 236 16.65 24.18 6.00
C HIS A 236 15.56 23.57 5.13
N ALA A 237 15.96 22.86 4.07
CA ALA A 237 14.98 22.32 3.14
C ALA A 237 13.99 21.39 3.85
N LEU A 238 14.51 20.48 4.68
CA LEU A 238 13.65 19.53 5.36
C LEU A 238 12.63 20.26 6.25
N ALA A 239 13.08 21.29 6.96
CA ALA A 239 12.16 22.05 7.80
C ALA A 239 11.12 22.78 6.95
N SER A 240 11.54 23.28 5.79
CA SER A 240 10.59 23.90 4.87
C SER A 240 9.56 22.89 4.39
N ASP A 241 10.02 21.68 4.05
CA ASP A 241 9.10 20.66 3.58
C ASP A 241 8.01 20.38 4.61
N LEU A 242 8.42 20.21 5.88
CA LEU A 242 7.47 19.82 6.90
C LEU A 242 6.57 20.98 7.31
N LEU A 243 7.09 22.21 7.29
CA LEU A 243 6.29 23.36 7.65
C LEU A 243 5.45 23.86 6.50
N SER A 244 5.67 23.32 5.29
CA SER A 244 4.88 23.66 4.10
C SER A 244 3.82 22.61 3.82
N ALA A 245 4.17 21.33 3.92
CA ALA A 245 3.27 20.23 3.63
C ALA A 245 2.54 19.72 4.88
N GLY A 246 2.83 20.28 6.05
CA GLY A 246 2.54 19.61 7.29
C GLY A 246 1.26 19.98 8.00
N PHE A 247 0.52 21.00 7.55
CA PHE A 247 -0.75 21.27 8.21
C PHE A 247 -1.88 21.75 7.31
N VAL A 248 -1.55 22.38 6.18
CA VAL A 248 -2.60 22.99 5.39
C VAL A 248 -3.50 21.92 4.78
N SER A 249 -2.93 20.79 4.37
CA SER A 249 -3.74 19.71 3.79
C SER A 249 -4.66 19.10 4.83
N THR A 250 -4.15 18.85 6.03
CA THR A 250 -4.99 18.34 7.11
C THR A 250 -6.14 19.28 7.40
N ALA A 251 -5.85 20.59 7.47
CA ALA A 251 -6.90 21.57 7.72
C ALA A 251 -8.00 21.47 6.67
N HIS A 252 -7.62 21.37 5.40
CA HIS A 252 -8.61 21.23 4.34
C HIS A 252 -9.44 19.97 4.53
N GLN A 253 -8.80 18.88 4.96
CA GLN A 253 -9.51 17.61 5.07
C GLN A 253 -10.46 17.59 6.27
N ILE A 254 -10.07 18.23 7.37
CA ILE A 254 -10.95 18.30 8.54
C ILE A 254 -12.29 18.90 8.14
N ALA A 255 -12.26 19.99 7.37
CA ALA A 255 -13.49 20.61 6.92
C ALA A 255 -14.14 19.78 5.81
N ASN A 256 -13.35 19.27 4.86
CA ASN A 256 -13.91 18.45 3.80
C ASN A 256 -14.61 17.22 4.38
N PHE A 257 -13.97 16.55 5.34
CA PHE A 257 -14.56 15.34 5.92
C PHE A 257 -15.82 15.67 6.70
N THR A 258 -15.76 16.69 7.55
CA THR A 258 -16.94 17.09 8.30
C THR A 258 -18.07 17.46 7.35
N ALA A 259 -17.75 18.17 6.27
CA ALA A 259 -18.78 18.60 5.33
C ALA A 259 -19.43 17.41 4.65
N MET A 260 -18.61 16.46 4.17
CA MET A 260 -19.15 15.24 3.59
C MET A 260 -20.14 14.58 4.55
N LEU A 261 -19.75 14.47 5.82
CA LEU A 261 -20.58 13.76 6.80
C LEU A 261 -21.86 14.52 7.11
N LEU A 262 -21.77 15.83 7.32
CA LEU A 262 -22.95 16.61 7.69
C LEU A 262 -23.97 16.71 6.57
N ALA A 263 -23.55 16.48 5.33
CA ALA A 263 -24.44 16.57 4.18
C ALA A 263 -25.29 15.32 4.00
N ARG A 264 -25.09 14.29 4.84
CA ARG A 264 -25.87 13.08 4.73
C ARG A 264 -27.01 13.08 5.74
N PRO A 265 -28.10 12.38 5.43
CA PRO A 265 -29.26 12.40 6.35
C PRO A 265 -28.89 12.07 7.78
N GLU A 266 -28.07 11.04 7.99
CA GLU A 266 -27.71 10.58 9.33
C GLU A 266 -26.61 11.42 9.98
N ARG A 267 -25.93 12.26 9.20
CA ARG A 267 -24.87 13.16 9.69
C ARG A 267 -23.90 12.30 10.51
N LEU A 268 -23.58 12.68 11.75
CA LEU A 268 -22.58 12.00 12.56
C LEU A 268 -23.14 10.80 13.34
N GLN A 269 -24.44 10.56 13.27
CA GLN A 269 -25.05 9.56 14.14
C GLN A 269 -24.39 8.18 14.03
N PRO A 270 -24.03 7.68 12.85
CA PRO A 270 -23.44 6.34 12.80
C PRO A 270 -22.13 6.24 13.53
N LEU A 271 -21.28 7.28 13.46
CA LEU A 271 -20.02 7.28 14.19
C LEU A 271 -20.23 7.55 15.68
N VAL A 272 -21.31 8.23 16.05
CA VAL A 272 -21.72 8.26 17.45
C VAL A 272 -22.03 6.85 17.93
N ASP A 273 -22.84 6.13 17.17
CA ASP A 273 -23.29 4.81 17.60
C ASP A 273 -22.17 3.79 17.61
N LYS A 274 -21.20 3.93 16.70
CA LYS A 274 -20.15 2.92 16.51
C LYS A 274 -18.81 3.62 16.41
N PRO A 275 -18.27 4.08 17.54
CA PRO A 275 -16.98 4.80 17.51
C PRO A 275 -15.84 3.98 16.93
N GLU A 276 -15.92 2.64 17.03
CA GLU A 276 -14.85 1.78 16.53
C GLU A 276 -14.71 1.83 15.01
N GLN A 277 -15.71 2.36 14.30
CA GLN A 277 -15.70 2.45 12.86
C GLN A 277 -15.13 3.77 12.35
N ILE A 278 -14.61 4.62 13.22
CA ILE A 278 -14.11 5.94 12.85
C ILE A 278 -12.86 5.78 11.98
N PRO A 279 -11.89 4.96 12.38
CA PRO A 279 -10.71 4.77 11.50
C PRO A 279 -11.07 4.37 10.08
N ALA A 280 -12.07 3.51 9.89
CA ALA A 280 -12.50 3.13 8.54
C ALA A 280 -13.13 4.32 7.81
N ALA A 281 -13.98 5.09 8.51
CA ALA A 281 -14.57 6.27 7.90
C ALA A 281 -13.49 7.23 7.43
N VAL A 282 -12.44 7.39 8.22
CA VAL A 282 -11.33 8.26 7.82
C VAL A 282 -10.69 7.76 6.54
N GLU A 283 -10.45 6.44 6.46
CA GLU A 283 -9.89 5.88 5.24
C GLU A 283 -10.84 6.04 4.07
N GLU A 284 -12.14 5.77 4.26
CA GLU A 284 -13.06 5.90 3.13
C GLU A 284 -13.10 7.35 2.65
N LEU A 285 -13.11 8.31 3.57
CA LEU A 285 -13.15 9.71 3.17
C LEU A 285 -11.86 10.09 2.44
N MET A 286 -10.73 9.53 2.89
CA MET A 286 -9.47 9.80 2.18
C MET A 286 -9.54 9.32 0.75
N ARG A 287 -10.20 8.18 0.52
CA ARG A 287 -10.35 7.69 -0.86
C ARG A 287 -11.28 8.58 -1.67
N HIS A 288 -12.35 9.06 -1.04
CA HIS A 288 -13.47 9.66 -1.77
C HIS A 288 -13.21 11.14 -2.09
N VAL A 289 -12.72 11.90 -1.12
CA VAL A 289 -12.60 13.36 -1.29
C VAL A 289 -11.58 13.67 -2.37
N PRO A 290 -11.97 14.30 -3.49
CA PRO A 290 -10.96 14.81 -4.42
C PRO A 290 -10.27 16.04 -3.85
N ILE A 291 -9.23 15.85 -3.04
CA ILE A 291 -8.68 16.99 -2.33
C ILE A 291 -8.12 18.01 -3.31
N LEU A 292 -7.57 17.55 -4.43
CA LEU A 292 -6.84 18.43 -5.32
C LEU A 292 -7.71 18.93 -6.47
N SER A 293 -7.61 20.23 -6.74
CA SER A 293 -8.09 20.80 -7.99
C SER A 293 -7.07 20.66 -9.10
N GLY A 294 -5.79 20.67 -8.74
CA GLY A 294 -4.74 20.53 -9.74
C GLY A 294 -4.18 19.13 -9.84
N PHE A 295 -2.88 19.01 -9.59
CA PHE A 295 -2.18 17.74 -9.50
C PHE A 295 -0.84 18.00 -8.79
N SER A 296 -0.20 16.91 -8.36
CA SER A 296 1.03 17.02 -7.60
C SER A 296 2.25 17.13 -8.51
N PHE A 297 3.31 16.44 -8.19
CA PHE A 297 4.48 16.53 -9.05
C PHE A 297 4.34 15.56 -10.23
N PRO A 298 4.65 15.99 -11.46
CA PRO A 298 4.76 15.05 -12.57
C PRO A 298 5.99 14.18 -12.41
N ARG A 299 5.92 12.98 -12.96
CA ARG A 299 7.08 12.11 -13.05
C ARG A 299 7.43 11.93 -14.52
N TYR A 300 8.68 11.56 -14.77
CA TYR A 300 9.21 11.46 -16.12
C TYR A 300 9.76 10.06 -16.35
N ALA A 301 9.34 9.44 -17.45
CA ALA A 301 9.86 8.13 -17.80
C ALA A 301 11.36 8.23 -18.04
N THR A 302 12.12 7.30 -17.45
CA THR A 302 13.55 7.20 -17.68
C THR A 302 13.88 6.18 -18.76
N GLU A 303 12.88 5.50 -19.30
CA GLU A 303 13.04 4.60 -20.44
C GLU A 303 11.67 4.40 -21.07
N ASP A 304 11.68 3.91 -22.31
CA ASP A 304 10.42 3.64 -23.00
C ASP A 304 9.64 2.56 -22.27
N LEU A 305 8.33 2.76 -22.15
CA LEU A 305 7.50 1.82 -21.41
C LEU A 305 6.06 1.88 -21.88
N GLU A 306 5.31 0.83 -21.54
CA GLU A 306 3.93 0.65 -21.97
C GLU A 306 2.99 0.99 -20.82
N MET A 307 2.02 1.87 -21.08
CA MET A 307 1.03 2.24 -20.08
C MET A 307 -0.33 2.41 -20.74
N SER A 308 -1.27 1.56 -20.37
CA SER A 308 -2.65 1.59 -20.86
C SER A 308 -2.70 1.78 -22.38
N GLY A 309 -1.98 0.89 -23.05
CA GLY A 309 -2.01 0.81 -24.50
C GLY A 309 -1.14 1.81 -25.22
N VAL A 310 -0.41 2.66 -24.50
CA VAL A 310 0.42 3.68 -25.11
C VAL A 310 1.88 3.43 -24.71
N THR A 311 2.78 3.70 -25.65
CA THR A 311 4.21 3.70 -25.37
C THR A 311 4.59 5.09 -24.88
N VAL A 312 4.83 5.22 -23.57
CA VAL A 312 5.39 6.45 -23.04
C VAL A 312 6.89 6.44 -23.30
N ARG A 313 7.38 7.50 -23.95
CA ARG A 313 8.78 7.56 -24.35
C ARG A 313 9.65 8.19 -23.27
N ARG A 314 10.93 7.83 -23.29
CA ARG A 314 11.89 8.42 -22.35
C ARG A 314 11.75 9.95 -22.37
N GLY A 315 11.75 10.53 -21.18
CA GLY A 315 11.68 11.97 -21.01
C GLY A 315 10.28 12.51 -20.88
N GLU A 316 9.29 11.83 -21.45
CA GLU A 316 7.92 12.33 -21.42
C GLU A 316 7.35 12.26 -20.01
N ALA A 317 6.46 13.20 -19.71
CA ALA A 317 5.89 13.35 -18.38
C ALA A 317 4.58 12.59 -18.25
N VAL A 318 4.32 12.08 -17.06
CA VAL A 318 3.05 11.44 -16.71
C VAL A 318 2.60 11.98 -15.36
N ILE A 319 1.36 12.43 -15.29
CA ILE A 319 0.79 13.04 -14.08
C ILE A 319 0.05 11.97 -13.29
N PRO A 320 0.40 11.72 -12.03
CA PRO A 320 -0.39 10.77 -11.21
C PRO A 320 -1.62 11.43 -10.62
N VAL A 321 -2.80 11.15 -11.16
CA VAL A 321 -4.04 11.76 -10.67
C VAL A 321 -4.57 10.84 -9.59
N ILE A 322 -4.23 11.18 -8.34
CA ILE A 322 -4.64 10.41 -7.17
C ILE A 322 -6.16 10.29 -7.10
N ALA A 323 -6.86 11.39 -7.41
CA ALA A 323 -8.31 11.38 -7.27
C ALA A 323 -8.97 10.36 -8.19
N ALA A 324 -8.41 10.13 -9.38
CA ALA A 324 -8.99 9.16 -10.30
C ALA A 324 -8.63 7.73 -9.91
N ALA A 325 -7.39 7.51 -9.46
CA ALA A 325 -7.02 6.19 -8.97
C ALA A 325 -7.97 5.74 -7.88
N ASN A 326 -8.30 6.63 -6.95
CA ASN A 326 -9.18 6.31 -5.82
C ASN A 326 -10.61 6.03 -6.24
N ARG A 327 -10.94 6.15 -7.53
CA ARG A 327 -12.27 5.80 -8.03
C ARG A 327 -12.21 4.85 -9.21
N ASP A 328 -11.14 4.07 -9.31
CA ASP A 328 -11.00 3.09 -10.37
C ASP A 328 -12.21 2.17 -10.39
N PRO A 329 -12.93 2.06 -11.51
CA PRO A 329 -14.17 1.25 -11.49
C PRO A 329 -13.94 -0.23 -11.23
N ASP A 330 -12.74 -0.76 -11.51
CA ASP A 330 -12.44 -2.17 -11.28
C ASP A 330 -11.86 -2.43 -9.90
N VAL A 331 -11.16 -1.44 -9.33
CA VAL A 331 -10.72 -1.57 -7.94
C VAL A 331 -11.89 -1.34 -6.99
N TYR A 332 -12.73 -0.34 -7.26
CA TYR A 332 -13.79 0.06 -6.34
C TYR A 332 -15.17 0.02 -6.97
N PRO A 333 -15.96 -1.03 -6.74
CA PRO A 333 -17.34 -1.04 -7.25
C PRO A 333 -18.10 0.18 -6.73
N ASP A 334 -18.95 0.74 -7.57
CA ASP A 334 -19.80 1.87 -7.19
C ASP A 334 -18.95 2.93 -6.48
N ALA A 335 -17.91 3.37 -7.19
CA ALA A 335 -16.85 4.14 -6.56
C ALA A 335 -17.34 5.52 -6.12
N GLY A 336 -18.37 6.06 -6.75
CA GLY A 336 -18.87 7.36 -6.36
C GLY A 336 -19.57 7.38 -5.03
N ARG A 337 -19.88 6.22 -4.46
CA ARG A 337 -20.62 6.14 -3.21
C ARG A 337 -19.67 6.18 -2.02
N LEU A 338 -19.97 7.06 -1.07
CA LEU A 338 -19.22 7.13 0.18
C LEU A 338 -19.85 6.12 1.14
N ASP A 339 -19.20 4.97 1.27
CA ASP A 339 -19.61 3.89 2.17
C ASP A 339 -18.54 3.82 3.26
N LEU A 340 -18.87 4.33 4.45
CA LEU A 340 -17.89 4.41 5.52
C LEU A 340 -17.51 3.04 6.07
N GLU A 341 -18.21 1.99 5.63
CA GLU A 341 -17.84 0.61 5.92
C GLU A 341 -17.20 -0.06 4.72
N ARG A 342 -16.94 0.69 3.65
CA ARG A 342 -16.43 0.07 2.42
C ARG A 342 -15.15 -0.70 2.72
N ASN A 343 -14.23 -0.10 3.47
CA ASN A 343 -12.99 -0.76 3.85
C ASN A 343 -12.32 -1.39 2.64
N GLY A 344 -12.22 -0.61 1.57
CA GLY A 344 -11.77 -1.12 0.31
C GLY A 344 -10.27 -1.29 0.24
N LEU A 345 -9.82 -1.76 -0.92
CA LEU A 345 -8.41 -1.86 -1.23
C LEU A 345 -7.73 -0.52 -0.93
N PRO A 346 -6.44 -0.52 -0.60
CA PRO A 346 -5.79 0.70 -0.10
C PRO A 346 -5.82 1.84 -1.11
N HIS A 347 -6.46 2.95 -0.73
CA HIS A 347 -6.46 4.15 -1.53
C HIS A 347 -5.05 4.68 -1.70
N LEU A 348 -4.86 5.51 -2.72
CA LEU A 348 -3.60 6.19 -2.97
C LEU A 348 -3.60 7.62 -2.44
N GLY A 349 -4.42 7.91 -1.43
CA GLY A 349 -4.62 9.29 -1.02
C GLY A 349 -3.44 9.89 -0.30
N PHE A 350 -2.61 9.06 0.32
CA PHE A 350 -1.31 9.49 0.81
C PHE A 350 -0.20 9.16 -0.18
N GLY A 351 -0.55 8.84 -1.42
CA GLY A 351 0.47 8.55 -2.41
C GLY A 351 0.96 7.12 -2.34
N GLN A 352 2.18 6.92 -2.81
CA GLN A 352 2.76 5.58 -2.89
C GLN A 352 4.22 5.69 -3.26
N GLY A 353 4.96 4.61 -3.00
CA GLY A 353 6.37 4.55 -3.31
C GLY A 353 7.18 5.54 -2.50
N PRO A 354 8.32 5.99 -3.06
CA PRO A 354 9.25 6.80 -2.28
C PRO A 354 8.64 8.01 -1.56
N HIS A 355 7.77 8.76 -2.21
CA HIS A 355 7.29 10.01 -1.65
C HIS A 355 5.96 9.86 -0.93
N PHE A 356 5.49 8.63 -0.75
CA PHE A 356 4.39 8.34 0.15
C PHE A 356 4.48 9.23 1.37
N CYS A 357 3.40 9.94 1.70
CA CYS A 357 3.37 10.97 2.72
C CYS A 357 4.10 10.53 3.98
N ILE A 358 5.15 11.28 4.35
CA ILE A 358 5.87 11.00 5.58
C ILE A 358 4.97 11.23 6.78
N GLY A 359 3.94 12.06 6.65
CA GLY A 359 3.06 12.33 7.76
C GLY A 359 1.75 11.55 7.74
N ALA A 360 1.73 10.46 6.97
CA ALA A 360 0.48 9.75 6.74
C ALA A 360 -0.17 9.34 8.05
N HIS A 361 0.62 8.85 9.00
CA HIS A 361 0.01 8.37 10.23
C HIS A 361 -0.40 9.53 11.13
N LEU A 362 0.42 10.58 11.19
CA LEU A 362 0.03 11.78 11.92
C LEU A 362 -1.29 12.32 11.38
N ALA A 363 -1.48 12.28 10.07
CA ALA A 363 -2.72 12.74 9.48
C ALA A 363 -3.88 11.83 9.86
N ARG A 364 -3.65 10.52 9.81
CA ARG A 364 -4.69 9.59 10.25
C ARG A 364 -5.04 9.82 11.72
N VAL A 365 -4.03 10.05 12.55
CA VAL A 365 -4.26 10.31 13.97
C VAL A 365 -5.07 11.59 14.13
N GLU A 366 -4.66 12.66 13.44
CA GLU A 366 -5.36 13.93 13.54
C GLU A 366 -6.81 13.80 13.10
N LEU A 367 -7.06 13.10 11.98
CA LEU A 367 -8.42 13.00 11.45
C LEU A 367 -9.29 12.10 12.32
N GLN A 368 -8.72 10.99 12.82
CA GLN A 368 -9.47 10.14 13.72
C GLN A 368 -9.88 10.88 14.98
N VAL A 369 -8.96 11.63 15.58
CA VAL A 369 -9.27 12.33 16.82
C VAL A 369 -10.33 13.39 16.58
N VAL A 370 -10.21 14.15 15.50
CA VAL A 370 -11.22 15.17 15.21
C VAL A 370 -12.61 14.53 15.19
N LEU A 371 -12.75 13.37 14.56
CA LEU A 371 -14.05 12.72 14.49
C LEU A 371 -14.48 12.17 15.85
N GLU A 372 -13.53 11.67 16.63
CA GLU A 372 -13.84 11.27 18.01
C GLU A 372 -14.39 12.45 18.79
N ALA A 373 -13.66 13.57 18.78
CA ALA A 373 -14.06 14.72 19.58
C ALA A 373 -15.38 15.31 19.11
N LEU A 374 -15.62 15.31 17.79
CA LEU A 374 -16.86 15.90 17.28
C LEU A 374 -18.06 15.01 17.59
N THR A 375 -17.91 13.69 17.51
CA THR A 375 -19.03 12.80 17.81
C THR A 375 -19.32 12.76 19.30
N GLU A 376 -18.27 12.65 20.13
CA GLU A 376 -18.47 12.59 21.58
C GLU A 376 -19.09 13.87 22.12
N ARG A 377 -18.77 15.01 21.52
CA ARG A 377 -19.14 16.32 22.05
C ARG A 377 -20.36 16.92 21.35
N PHE A 378 -20.44 16.83 20.03
CA PHE A 378 -21.53 17.41 19.26
C PHE A 378 -22.22 16.33 18.42
N PRO A 379 -22.84 15.33 19.06
CA PRO A 379 -23.45 14.26 18.25
C PRO A 379 -24.49 14.75 17.26
N ASP A 380 -25.17 15.86 17.55
CA ASP A 380 -26.18 16.43 16.69
C ASP A 380 -25.62 17.55 15.82
N LEU A 381 -24.31 17.55 15.60
CA LEU A 381 -23.69 18.51 14.71
C LEU A 381 -24.42 18.54 13.37
N ARG A 382 -24.51 19.74 12.80
CA ARG A 382 -25.24 19.96 11.55
C ARG A 382 -24.70 21.24 10.92
N PHE A 383 -24.93 21.38 9.62
CA PHE A 383 -24.61 22.64 8.95
C PHE A 383 -25.31 23.80 9.65
N GLY A 384 -24.64 24.95 9.74
CA GLY A 384 -25.21 26.11 10.38
C GLY A 384 -25.76 27.11 9.38
N ILE A 385 -25.56 26.81 8.10
CA ILE A 385 -26.18 27.56 7.02
C ILE A 385 -26.76 26.54 6.05
N PRO A 386 -27.64 26.97 5.13
CA PRO A 386 -28.11 26.05 4.09
C PRO A 386 -26.91 25.53 3.29
N GLU A 387 -27.00 24.27 2.86
CA GLU A 387 -25.85 23.62 2.25
C GLU A 387 -25.43 24.34 0.97
N ASN A 388 -26.40 24.78 0.16
CA ASN A 388 -26.08 25.42 -1.10
C ASN A 388 -25.48 26.81 -0.92
N ALA A 389 -25.44 27.33 0.31
CA ALA A 389 -24.78 28.60 0.59
C ALA A 389 -23.30 28.44 0.90
N LEU A 390 -22.82 27.20 1.01
CA LEU A 390 -21.45 26.96 1.44
C LEU A 390 -20.45 27.59 0.47
N LYS A 391 -19.36 28.12 1.04
CA LYS A 391 -18.36 28.87 0.26
C LYS A 391 -17.21 27.93 -0.10
N TRP A 392 -17.43 27.14 -1.15
CA TRP A 392 -16.36 26.32 -1.69
C TRP A 392 -15.33 27.19 -2.40
N LYS A 393 -14.05 26.86 -2.20
CA LYS A 393 -12.99 27.58 -2.88
C LYS A 393 -13.02 27.29 -4.38
N ARG A 394 -13.02 28.36 -5.17
CA ARG A 394 -13.11 28.25 -6.63
C ARG A 394 -11.74 28.45 -7.24
N GLY A 395 -11.35 27.55 -8.14
CA GLY A 395 -10.10 27.70 -8.87
C GLY A 395 -8.86 27.72 -7.99
N HIS A 396 -8.90 27.08 -6.83
CA HIS A 396 -7.71 26.97 -6.01
C HIS A 396 -6.99 25.66 -6.31
N PHE A 397 -5.79 25.52 -5.74
CA PHE A 397 -5.01 24.29 -5.92
C PHE A 397 -5.65 23.13 -5.17
N MET A 398 -6.06 23.36 -3.93
CA MET A 398 -6.78 22.37 -3.12
C MET A 398 -8.26 22.74 -3.09
N ASN A 399 -9.09 21.72 -3.05
CA ASN A 399 -10.53 21.91 -2.88
C ASN A 399 -10.86 21.97 -1.40
N GLY A 400 -11.86 22.80 -1.07
CA GLY A 400 -12.23 22.95 0.32
C GLY A 400 -13.13 24.16 0.50
N LEU A 401 -13.25 24.58 1.76
CA LEU A 401 -14.20 25.60 2.17
C LEU A 401 -13.48 26.81 2.73
N HIS A 402 -13.96 28.00 2.36
CA HIS A 402 -13.51 29.21 3.02
C HIS A 402 -13.99 29.24 4.47
N GLU A 403 -15.22 28.77 4.69
CA GLU A 403 -15.86 28.74 5.99
C GLU A 403 -16.73 27.49 6.05
N LEU A 404 -16.92 26.99 7.26
CA LEU A 404 -17.81 25.86 7.50
C LEU A 404 -18.62 26.17 8.74
N PRO A 405 -19.68 26.96 8.62
CA PRO A 405 -20.56 27.23 9.76
C PRO A 405 -21.23 25.94 10.24
N VAL A 406 -21.17 25.67 11.55
CA VAL A 406 -21.78 24.48 12.14
C VAL A 406 -22.63 24.92 13.32
N ALA A 407 -23.69 24.15 13.57
CA ALA A 407 -24.60 24.37 14.69
C ALA A 407 -24.79 23.05 15.41
N TRP A 408 -25.24 23.14 16.67
CA TRP A 408 -25.29 21.96 17.52
C TRP A 408 -26.31 22.04 18.65
N LEU B 19 23.56 -16.51 18.75
CA LEU B 19 22.45 -15.78 18.18
C LEU B 19 21.13 -16.55 18.29
N LEU B 20 20.03 -15.80 18.42
CA LEU B 20 18.69 -16.37 18.37
C LEU B 20 18.51 -17.14 17.06
N THR B 21 17.87 -18.31 17.14
CA THR B 21 17.59 -19.09 15.94
C THR B 21 16.22 -18.71 15.40
N PHE B 22 16.08 -18.76 14.07
CA PHE B 22 14.88 -18.39 13.36
C PHE B 22 14.75 -19.33 12.16
N PRO B 23 13.54 -19.79 11.82
CA PRO B 23 12.24 -19.42 12.39
C PRO B 23 11.98 -19.87 13.83
N PHE B 24 10.99 -19.25 14.46
CA PHE B 24 10.64 -19.54 15.85
C PHE B 24 9.66 -20.70 15.94
N ALA B 25 9.58 -21.28 17.14
CA ALA B 25 8.66 -22.39 17.37
C ALA B 25 7.21 -21.90 17.29
N SER B 26 6.37 -22.65 16.57
CA SER B 26 4.95 -22.36 16.45
C SER B 26 4.28 -23.58 15.84
N THR B 27 2.99 -23.74 16.13
CA THR B 27 2.22 -24.83 15.54
C THR B 27 0.95 -24.29 14.91
N GLY B 28 0.59 -24.85 13.76
CA GLY B 28 -0.58 -24.38 13.04
C GLY B 28 -0.42 -22.92 12.67
N LEU B 29 -1.43 -22.13 12.99
CA LEU B 29 -1.42 -20.70 12.70
C LEU B 29 -1.10 -19.87 13.94
N GLU B 30 -0.44 -20.47 14.92
CA GLU B 30 -0.03 -19.73 16.11
C GLU B 30 0.88 -18.57 15.73
N PHE B 31 0.64 -17.43 16.37
CA PHE B 31 1.61 -16.33 16.39
C PHE B 31 2.41 -16.42 17.69
N PRO B 32 3.71 -16.69 17.67
CA PRO B 32 4.44 -16.95 18.92
C PRO B 32 4.72 -15.66 19.69
N PRO B 33 4.64 -15.73 21.04
CA PRO B 33 4.76 -14.52 21.86
C PRO B 33 6.16 -13.93 21.91
N VAL B 34 7.17 -14.64 21.38
CA VAL B 34 8.52 -14.09 21.29
C VAL B 34 8.50 -12.77 20.53
N TYR B 35 7.53 -12.60 19.62
CA TYR B 35 7.44 -11.34 18.87
C TYR B 35 7.05 -10.19 19.78
N HIS B 36 6.15 -10.42 20.74
CA HIS B 36 5.75 -9.34 21.65
C HIS B 36 6.95 -8.81 22.42
N GLU B 37 7.96 -9.65 22.63
CA GLU B 37 9.22 -9.18 23.18
C GLU B 37 9.96 -8.30 22.18
N LEU B 38 10.07 -8.77 20.93
CA LEU B 38 10.99 -8.15 19.98
C LEU B 38 10.46 -6.82 19.46
N TYR B 39 9.14 -6.62 19.47
CA TYR B 39 8.60 -5.35 18.97
C TYR B 39 9.20 -4.17 19.74
N GLN B 40 9.36 -4.32 21.04
CA GLN B 40 9.82 -3.24 21.91
C GLN B 40 11.34 -3.18 21.97
N GLN B 41 12.05 -3.95 21.15
CA GLN B 41 13.50 -4.02 21.19
C GLN B 41 14.09 -3.58 19.84
N ARG B 42 15.38 -3.27 19.89
CA ARG B 42 16.10 -2.90 18.67
C ARG B 42 16.15 -4.08 17.71
N LEU B 43 16.51 -3.76 16.45
CA LEU B 43 16.69 -4.77 15.42
C LEU B 43 17.60 -5.89 15.91
N THR B 44 17.14 -7.13 15.72
CA THR B 44 17.80 -8.31 16.27
C THR B 44 18.36 -9.18 15.14
N LYS B 45 19.58 -9.67 15.35
CA LYS B 45 20.20 -10.62 14.43
C LYS B 45 19.88 -12.05 14.84
N VAL B 46 19.71 -12.92 13.84
CA VAL B 46 19.38 -14.32 14.08
C VAL B 46 20.22 -15.20 13.17
N ARG B 47 20.33 -16.47 13.55
CA ARG B 47 20.94 -17.49 12.70
C ARG B 47 19.82 -18.30 12.06
N LEU B 48 20.08 -18.76 10.83
CA LEU B 48 19.10 -19.49 10.05
C LEU B 48 19.57 -20.91 9.77
N PRO B 49 18.66 -21.80 9.37
CA PRO B 49 19.09 -23.18 9.05
C PRO B 49 20.24 -23.26 8.07
N TYR B 50 20.25 -22.40 7.05
CA TYR B 50 21.34 -22.36 6.09
C TYR B 50 21.68 -20.91 5.78
N GLY B 51 22.86 -20.70 5.22
CA GLY B 51 23.29 -19.39 4.80
C GLY B 51 23.78 -18.51 5.94
N ASP B 52 24.05 -17.25 5.60
CA ASP B 52 24.55 -16.30 6.57
C ASP B 52 23.47 -15.93 7.58
N ASP B 53 23.90 -15.34 8.70
CA ASP B 53 22.98 -14.76 9.65
C ASP B 53 22.27 -13.55 9.03
N ALA B 54 21.21 -13.09 9.67
CA ALA B 54 20.47 -11.96 9.16
C ALA B 54 19.68 -11.29 10.28
N TYR B 55 19.37 -10.01 10.07
CA TYR B 55 18.52 -9.28 10.99
C TYR B 55 17.06 -9.62 10.74
N LEU B 56 16.23 -9.36 11.74
CA LEU B 56 14.81 -9.70 11.68
C LEU B 56 13.99 -8.41 11.71
N ALA B 57 13.54 -7.98 10.53
CA ALA B 57 12.64 -6.83 10.41
C ALA B 57 11.23 -7.26 10.81
N ILE B 58 10.69 -6.65 11.87
CA ILE B 58 9.37 -7.06 12.34
C ILE B 58 8.40 -5.90 12.52
N ARG B 59 8.91 -4.68 12.72
CA ARG B 59 8.02 -3.54 12.75
C ARG B 59 7.39 -3.32 11.38
N TYR B 60 6.16 -2.80 11.39
CA TYR B 60 5.43 -2.54 10.14
C TYR B 60 6.24 -1.68 9.18
N ALA B 61 6.79 -0.57 9.66
CA ALA B 61 7.59 0.31 8.79
C ALA B 61 8.86 -0.38 8.31
N ASP B 62 9.49 -1.18 9.17
CA ASP B 62 10.77 -1.80 8.82
C ASP B 62 10.58 -2.85 7.72
N VAL B 63 9.54 -3.69 7.83
CA VAL B 63 9.28 -4.68 6.79
C VAL B 63 8.95 -3.98 5.48
N LYS B 64 8.30 -2.81 5.55
CA LYS B 64 7.99 -2.03 4.35
C LYS B 64 9.26 -1.50 3.70
N THR B 65 10.19 -0.98 4.51
CA THR B 65 11.45 -0.49 3.97
C THR B 65 12.24 -1.59 3.28
N VAL B 66 12.30 -2.78 3.92
CA VAL B 66 13.07 -3.89 3.37
C VAL B 66 12.52 -4.30 2.01
N LEU B 67 11.20 -4.25 1.86
CA LEU B 67 10.56 -4.75 0.65
C LEU B 67 10.49 -3.71 -0.45
N SER B 68 10.59 -2.43 -0.13
CA SER B 68 10.29 -1.36 -1.09
C SER B 68 11.38 -0.30 -1.23
N ASP B 69 12.31 -0.17 -0.28
CA ASP B 69 13.39 0.81 -0.37
C ASP B 69 14.47 0.30 -1.31
N SER B 70 14.93 1.18 -2.20
CA SER B 70 15.91 0.79 -3.21
C SER B 70 17.28 0.46 -2.62
N ARG B 71 17.50 0.77 -1.35
CA ARG B 71 18.75 0.41 -0.70
C ARG B 71 18.74 -1.02 -0.19
N PHE B 72 17.72 -1.79 -0.55
CA PHE B 72 17.66 -3.21 -0.22
C PHE B 72 17.49 -3.97 -1.52
N SER B 73 18.53 -4.70 -1.91
CA SER B 73 18.54 -5.53 -3.10
C SER B 73 18.12 -6.95 -2.74
N ILE B 74 17.39 -7.59 -3.65
CA ILE B 74 17.03 -8.99 -3.48
C ILE B 74 18.13 -9.91 -3.98
N VAL B 75 19.18 -9.37 -4.59
CA VAL B 75 20.25 -10.12 -5.20
C VAL B 75 21.45 -10.10 -4.27
N ALA B 76 22.08 -11.27 -4.09
CA ALA B 76 23.28 -11.38 -3.25
C ALA B 76 24.48 -11.16 -4.16
N SER B 77 24.90 -9.90 -4.30
CA SER B 77 25.98 -9.54 -5.20
C SER B 77 27.31 -9.27 -4.50
N LEU B 78 27.39 -9.50 -3.19
CA LEU B 78 28.62 -9.27 -2.44
C LEU B 78 29.11 -10.55 -1.78
N GLY B 79 28.88 -11.69 -2.43
CA GLY B 79 29.38 -12.95 -1.95
C GLY B 79 28.63 -13.57 -0.81
N GLN B 80 27.39 -13.13 -0.56
CA GLN B 80 26.62 -13.63 0.56
C GLN B 80 26.15 -15.06 0.30
N ASP B 81 26.03 -15.82 1.38
CA ASP B 81 25.38 -17.13 1.37
C ASP B 81 23.94 -16.92 1.84
N GLN B 82 22.99 -17.17 0.96
CA GLN B 82 21.61 -16.72 1.16
C GLN B 82 20.98 -17.28 2.41
N PRO B 83 20.58 -16.43 3.36
CA PRO B 83 19.78 -16.92 4.50
C PRO B 83 18.50 -17.57 3.99
N ARG B 84 18.20 -18.76 4.52
CA ARG B 84 17.13 -19.56 3.96
C ARG B 84 16.79 -20.70 4.90
N THR B 85 15.62 -21.29 4.64
CA THR B 85 15.16 -22.49 5.31
C THR B 85 15.40 -23.74 4.49
N ARG B 86 15.71 -23.60 3.20
CA ARG B 86 15.90 -24.71 2.30
C ARG B 86 17.39 -24.98 2.08
N ALA B 87 17.73 -26.26 1.97
CA ALA B 87 19.13 -26.64 1.81
C ALA B 87 19.73 -25.97 0.57
N GLY B 88 19.02 -26.02 -0.55
CA GLY B 88 19.51 -25.43 -1.78
C GLY B 88 19.06 -23.98 -1.92
N ALA B 89 20.02 -23.09 -2.14
CA ALA B 89 19.71 -21.67 -2.25
C ALA B 89 18.74 -21.43 -3.41
N ARG B 90 17.90 -20.40 -3.25
CA ARG B 90 16.83 -20.11 -4.21
C ARG B 90 17.38 -19.23 -5.32
N VAL B 91 17.77 -19.84 -6.45
CA VAL B 91 18.45 -19.11 -7.51
C VAL B 91 17.86 -19.51 -8.86
N GLY B 92 17.67 -18.51 -9.71
CA GLY B 92 17.18 -18.74 -11.05
C GLY B 92 17.26 -17.46 -11.87
N ASN B 93 16.47 -17.41 -12.94
CA ASN B 93 16.49 -16.28 -13.87
C ASN B 93 15.15 -15.56 -13.94
N GLY B 94 14.29 -15.76 -12.95
CA GLY B 94 12.98 -15.16 -12.91
C GLY B 94 12.91 -13.92 -12.03
N LEU B 95 11.69 -13.60 -11.61
CA LEU B 95 11.43 -12.28 -11.04
C LEU B 95 12.02 -12.11 -9.64
N PHE B 96 12.08 -13.20 -8.86
CA PHE B 96 12.72 -13.14 -7.55
C PHE B 96 14.25 -13.06 -7.66
N SER B 97 14.80 -13.09 -8.88
CA SER B 97 16.23 -13.02 -9.09
C SER B 97 16.70 -11.64 -9.51
N LEU B 98 15.78 -10.68 -9.65
CA LEU B 98 16.08 -9.42 -10.29
C LEU B 98 15.72 -8.25 -9.39
N ASP B 99 16.54 -7.21 -9.46
CA ASP B 99 16.20 -5.89 -8.95
C ASP B 99 15.70 -5.01 -10.09
N PRO B 100 15.01 -3.91 -9.78
CA PRO B 100 14.74 -2.91 -10.82
C PRO B 100 16.04 -2.30 -11.29
N PRO B 101 16.11 -1.89 -12.58
CA PRO B 101 15.03 -1.91 -13.57
C PRO B 101 14.85 -3.22 -14.31
N GLN B 102 15.82 -4.14 -14.20
CA GLN B 102 15.70 -5.41 -14.90
C GLN B 102 14.42 -6.14 -14.49
N HIS B 103 14.15 -6.22 -13.18
CA HIS B 103 12.92 -6.85 -12.72
C HIS B 103 11.70 -6.19 -13.34
N SER B 104 11.73 -4.85 -13.42
CA SER B 104 10.56 -4.11 -13.88
C SER B 104 10.24 -4.44 -15.33
N ARG B 105 11.28 -4.56 -16.18
CA ARG B 105 11.02 -4.81 -17.59
C ARG B 105 10.48 -6.21 -17.82
N LEU B 106 11.06 -7.21 -17.13
CA LEU B 106 10.63 -8.59 -17.32
C LEU B 106 9.20 -8.78 -16.85
N ARG B 107 8.86 -8.18 -15.70
CA ARG B 107 7.53 -8.31 -15.14
C ARG B 107 6.49 -7.65 -16.03
N SER B 108 6.86 -6.54 -16.67
CA SER B 108 5.92 -5.84 -17.53
C SER B 108 5.45 -6.72 -18.69
N VAL B 109 6.16 -7.80 -18.98
CA VAL B 109 5.66 -8.77 -19.96
C VAL B 109 4.34 -9.36 -19.48
N LEU B 110 4.25 -9.62 -18.17
CA LEU B 110 3.03 -10.15 -17.59
C LEU B 110 2.07 -9.07 -17.12
N GLY B 111 2.58 -7.87 -16.86
CA GLY B 111 1.80 -6.82 -16.21
C GLY B 111 0.34 -6.77 -16.57
N ARG B 112 0.04 -6.58 -17.86
CA ARG B 112 -1.33 -6.29 -18.27
C ARG B 112 -2.30 -7.42 -17.95
N ASP B 113 -1.81 -8.65 -17.80
CA ASP B 113 -2.68 -9.79 -17.54
C ASP B 113 -3.17 -9.84 -16.09
N PHE B 114 -2.63 -9.02 -15.20
CA PHE B 114 -2.93 -9.15 -13.77
C PHE B 114 -3.43 -7.87 -13.14
N THR B 115 -3.65 -6.81 -13.92
CA THR B 115 -4.26 -5.60 -13.40
C THR B 115 -5.67 -5.91 -12.88
N PRO B 116 -6.18 -5.11 -11.95
CA PRO B 116 -7.58 -5.27 -11.54
C PRO B 116 -8.55 -5.31 -12.72
N ARG B 117 -8.34 -4.46 -13.74
CA ARG B 117 -9.27 -4.42 -14.86
C ARG B 117 -9.29 -5.73 -15.62
N ARG B 118 -8.12 -6.38 -15.76
CA ARG B 118 -8.07 -7.66 -16.45
C ARG B 118 -8.65 -8.76 -15.58
N VAL B 119 -8.29 -8.78 -14.30
CA VAL B 119 -8.62 -9.89 -13.42
C VAL B 119 -10.09 -9.89 -13.07
N GLU B 120 -10.71 -8.71 -12.96
CA GLU B 120 -12.13 -8.66 -12.65
C GLU B 120 -12.96 -9.40 -13.69
N LYS B 121 -12.46 -9.47 -14.93
CA LYS B 121 -13.16 -10.18 -15.98
C LYS B 121 -13.19 -11.68 -15.72
N LEU B 122 -12.30 -12.17 -14.87
CA LEU B 122 -12.21 -13.59 -14.55
C LEU B 122 -13.13 -13.98 -13.39
N ARG B 123 -13.73 -12.99 -12.72
CA ARG B 123 -14.58 -13.26 -11.56
C ARG B 123 -15.60 -14.36 -11.88
N GLU B 124 -16.19 -14.31 -13.06
CA GLU B 124 -17.24 -15.27 -13.43
C GLU B 124 -16.66 -16.68 -13.56
N ARG B 125 -15.53 -16.82 -14.26
CA ARG B 125 -14.96 -18.15 -14.47
C ARG B 125 -14.44 -18.75 -13.17
N VAL B 126 -14.01 -17.91 -12.22
CA VAL B 126 -13.55 -18.41 -10.94
C VAL B 126 -14.72 -19.01 -10.18
N ARG B 127 -15.87 -18.35 -10.21
CA ARG B 127 -17.06 -18.88 -9.57
C ARG B 127 -17.53 -20.15 -10.25
N GLU B 128 -17.45 -20.21 -11.58
CA GLU B 128 -17.83 -21.42 -12.30
C GLU B 128 -17.03 -22.62 -11.82
N LEU B 129 -15.71 -22.47 -11.76
CA LEU B 129 -14.86 -23.59 -11.31
C LEU B 129 -15.13 -23.91 -9.84
N THR B 130 -15.32 -22.89 -9.01
CA THR B 130 -15.66 -23.12 -7.61
C THR B 130 -16.96 -23.89 -7.48
N ASP B 131 -17.96 -23.55 -8.30
CA ASP B 131 -19.23 -24.28 -8.27
C ASP B 131 -19.01 -25.74 -8.67
N GLN B 132 -18.25 -25.98 -9.73
CA GLN B 132 -17.98 -27.34 -10.16
C GLN B 132 -17.35 -28.16 -9.04
N CYS B 133 -16.38 -27.57 -8.33
CA CYS B 133 -15.74 -28.29 -7.24
C CYS B 133 -16.74 -28.60 -6.14
N LEU B 134 -17.60 -27.63 -5.80
CA LEU B 134 -18.56 -27.82 -4.72
C LEU B 134 -19.67 -28.77 -5.14
N ASP B 135 -20.03 -28.80 -6.41
CA ASP B 135 -20.91 -29.85 -6.90
C ASP B 135 -20.34 -31.22 -6.54
N ARG B 136 -19.07 -31.43 -6.84
CA ARG B 136 -18.43 -32.71 -6.56
C ARG B 136 -18.34 -32.96 -5.06
N MET B 137 -17.96 -31.95 -4.28
CA MET B 137 -17.87 -32.12 -2.83
C MET B 137 -19.22 -32.55 -2.26
N GLU B 138 -20.29 -31.82 -2.63
CA GLU B 138 -21.63 -32.17 -2.17
C GLU B 138 -22.01 -33.57 -2.64
N ALA B 139 -21.69 -33.92 -3.90
CA ALA B 139 -21.97 -35.25 -4.40
C ALA B 139 -21.30 -36.32 -3.55
N ALA B 140 -20.07 -36.05 -3.10
CA ALA B 140 -19.35 -37.03 -2.29
C ALA B 140 -20.00 -37.22 -0.92
N GLY B 141 -20.68 -36.20 -0.43
CA GLY B 141 -21.43 -36.32 0.81
C GLY B 141 -20.68 -35.79 2.01
N SER B 142 -21.45 -35.30 2.98
CA SER B 142 -20.91 -34.80 4.24
C SER B 142 -20.59 -35.96 5.18
N PRO B 143 -19.44 -35.94 5.88
CA PRO B 143 -18.37 -34.91 5.80
C PRO B 143 -17.37 -35.18 4.67
N ALA B 144 -16.80 -34.13 4.08
CA ALA B 144 -15.89 -34.25 2.96
C ALA B 144 -14.67 -33.36 3.18
N ASP B 145 -13.62 -33.63 2.43
CA ASP B 145 -12.35 -32.91 2.57
C ASP B 145 -12.38 -31.67 1.68
N LEU B 146 -12.51 -30.50 2.29
CA LEU B 146 -12.54 -29.27 1.51
C LEU B 146 -11.21 -29.00 0.83
N VAL B 147 -10.09 -29.42 1.44
CA VAL B 147 -8.80 -29.26 0.79
C VAL B 147 -8.79 -30.00 -0.55
N ALA B 148 -9.13 -31.28 -0.52
CA ALA B 148 -9.07 -32.09 -1.73
C ALA B 148 -10.15 -31.71 -2.73
N HIS B 149 -11.32 -31.28 -2.24
CA HIS B 149 -12.43 -31.00 -3.14
C HIS B 149 -12.43 -29.57 -3.66
N LEU B 150 -11.81 -28.62 -2.95
CA LEU B 150 -11.85 -27.24 -3.43
C LEU B 150 -10.50 -26.54 -3.36
N ALA B 151 -9.84 -26.57 -2.20
CA ALA B 151 -8.67 -25.71 -2.00
C ALA B 151 -7.60 -26.00 -3.06
N VAL B 152 -7.39 -27.27 -3.39
CA VAL B 152 -6.33 -27.63 -4.34
C VAL B 152 -6.82 -27.45 -5.77
N PRO B 153 -7.98 -28.01 -6.15
CA PRO B 153 -8.34 -28.03 -7.57
C PRO B 153 -8.62 -26.65 -8.15
N MET B 154 -9.32 -25.78 -7.39
CA MET B 154 -9.84 -24.56 -8.00
C MET B 154 -8.73 -23.60 -8.39
N PRO B 155 -7.88 -23.13 -7.48
CA PRO B 155 -6.84 -22.18 -7.90
C PRO B 155 -5.83 -22.79 -8.87
N THR B 156 -5.64 -24.12 -8.84
CA THR B 156 -4.79 -24.76 -9.83
C THR B 156 -5.41 -24.64 -11.21
N ALA B 157 -6.71 -24.95 -11.32
CA ALA B 157 -7.39 -24.87 -12.59
C ALA B 157 -7.39 -23.44 -13.13
N VAL B 158 -7.56 -22.46 -12.23
CA VAL B 158 -7.65 -21.06 -12.66
C VAL B 158 -6.39 -20.66 -13.42
N VAL B 159 -5.22 -20.85 -12.79
CA VAL B 159 -3.99 -20.37 -13.41
C VAL B 159 -3.56 -21.29 -14.54
N CYS B 160 -3.85 -22.58 -14.45
CA CYS B 160 -3.40 -23.50 -15.50
C CYS B 160 -4.16 -23.25 -16.81
N GLU B 161 -5.45 -22.97 -16.74
CA GLU B 161 -6.18 -22.62 -17.96
C GLU B 161 -5.96 -21.16 -18.35
N MET B 162 -5.46 -20.33 -17.44
CA MET B 162 -4.94 -19.03 -17.83
C MET B 162 -3.68 -19.20 -18.67
N MET B 163 -2.75 -20.05 -18.21
CA MET B 163 -1.50 -20.25 -18.92
C MET B 163 -1.72 -21.08 -20.18
N GLY B 164 -2.61 -22.07 -20.12
CA GLY B 164 -2.88 -22.92 -21.25
C GLY B 164 -2.48 -24.36 -21.03
N VAL B 165 -2.49 -24.79 -19.78
CA VAL B 165 -2.06 -26.15 -19.44
C VAL B 165 -3.28 -27.07 -19.37
N PRO B 166 -3.23 -28.23 -20.01
CA PRO B 166 -4.38 -29.14 -19.97
C PRO B 166 -4.62 -29.69 -18.56
N GLU B 167 -5.90 -29.93 -18.27
CA GLU B 167 -6.31 -30.36 -16.92
C GLU B 167 -5.58 -31.58 -16.42
N PRO B 168 -5.35 -32.64 -17.20
CA PRO B 168 -4.73 -33.85 -16.65
C PRO B 168 -3.26 -33.68 -16.31
N ASP B 169 -2.66 -32.53 -16.61
CA ASP B 169 -1.27 -32.25 -16.29
C ASP B 169 -1.11 -31.43 -15.02
N HIS B 170 -2.21 -31.16 -14.30
CA HIS B 170 -2.14 -30.34 -13.10
C HIS B 170 -1.27 -30.99 -12.03
N HIS B 171 -1.44 -32.29 -11.82
CA HIS B 171 -0.67 -32.99 -10.81
C HIS B 171 0.82 -32.77 -10.98
N LEU B 172 1.28 -32.63 -12.23
CA LEU B 172 2.70 -32.41 -12.49
C LEU B 172 3.17 -31.09 -11.89
N PHE B 173 2.37 -30.04 -12.06
CA PHE B 173 2.76 -28.72 -11.56
C PHE B 173 2.57 -28.61 -10.06
N TRP B 174 1.78 -29.49 -9.45
CA TRP B 174 1.79 -29.57 -8.00
C TRP B 174 3.09 -30.19 -7.50
N GLY B 175 3.57 -31.24 -8.17
CA GLY B 175 4.80 -31.88 -7.74
C GLY B 175 6.01 -30.96 -7.87
N TRP B 176 6.10 -30.23 -8.98
CA TRP B 176 7.19 -29.28 -9.16
C TRP B 176 7.10 -28.15 -8.15
N ALA B 177 5.88 -27.71 -7.82
CA ALA B 177 5.72 -26.59 -6.91
C ALA B 177 6.05 -27.00 -5.47
N GLU B 178 5.68 -28.22 -5.08
CA GLU B 178 6.02 -28.70 -3.74
C GLU B 178 7.52 -28.82 -3.57
N THR B 179 8.25 -29.15 -4.63
CA THR B 179 9.70 -29.28 -4.52
C THR B 179 10.37 -27.92 -4.38
N ILE B 180 9.85 -26.90 -5.05
CA ILE B 180 10.35 -25.55 -4.81
C ILE B 180 10.13 -25.17 -3.35
N LEU B 181 9.00 -25.60 -2.78
CA LEU B 181 8.62 -25.14 -1.46
C LEU B 181 9.12 -26.01 -0.32
N SER B 182 9.58 -27.23 -0.60
CA SER B 182 9.97 -28.14 0.47
C SER B 182 11.36 -27.78 0.99
N ASN B 183 11.48 -27.68 2.31
CA ASN B 183 12.74 -27.29 2.93
C ASN B 183 13.80 -28.37 2.83
N ASP B 184 13.44 -29.62 2.57
CA ASP B 184 14.41 -30.70 2.44
C ASP B 184 14.78 -30.97 0.99
N THR B 185 14.74 -29.93 0.15
CA THR B 185 15.11 -30.01 -1.27
C THR B 185 16.56 -29.57 -1.44
N THR B 186 17.36 -30.42 -2.08
CA THR B 186 18.76 -30.09 -2.34
C THR B 186 18.89 -29.44 -3.70
N PRO B 187 20.07 -28.90 -4.01
CA PRO B 187 20.33 -28.43 -5.39
C PRO B 187 20.07 -29.50 -6.44
N ASP B 188 20.33 -30.77 -6.12
CA ASP B 188 20.10 -31.84 -7.06
C ASP B 188 18.62 -31.96 -7.41
N ASP B 189 17.75 -31.90 -6.39
CA ASP B 189 16.32 -31.97 -6.63
C ASP B 189 15.83 -30.80 -7.46
N LEU B 190 16.39 -29.61 -7.21
CA LEU B 190 16.06 -28.45 -8.03
C LEU B 190 16.49 -28.66 -9.47
N ILE B 191 17.64 -29.30 -9.68
CA ILE B 191 18.08 -29.62 -11.03
C ILE B 191 17.08 -30.56 -11.70
N ARG B 192 16.73 -31.65 -11.02
CA ARG B 192 15.77 -32.60 -11.57
C ARG B 192 14.49 -31.88 -11.97
N ARG B 193 13.94 -31.09 -11.05
CA ARG B 193 12.76 -30.29 -11.36
C ARG B 193 12.99 -29.44 -12.60
N TYR B 194 14.09 -28.68 -12.61
CA TYR B 194 14.35 -27.79 -13.74
C TYR B 194 14.31 -28.55 -15.05
N GLN B 195 14.89 -29.74 -15.08
CA GLN B 195 14.91 -30.52 -16.32
C GLN B 195 13.50 -30.95 -16.71
N GLU B 196 12.75 -31.49 -15.75
CA GLU B 196 11.40 -31.96 -16.05
C GLU B 196 10.49 -30.82 -16.48
N PHE B 197 10.60 -29.65 -15.82
CA PHE B 197 9.75 -28.52 -16.17
C PHE B 197 10.14 -27.94 -17.52
N THR B 198 11.44 -27.78 -17.78
CA THR B 198 11.88 -27.27 -19.07
C THR B 198 11.41 -28.17 -20.20
N ALA B 199 11.50 -29.48 -20.00
CA ALA B 199 11.04 -30.41 -21.03
C ALA B 199 9.55 -30.20 -21.33
N TYR B 200 8.73 -30.16 -20.28
CA TYR B 200 7.29 -29.98 -20.47
C TYR B 200 6.98 -28.66 -21.15
N MET B 201 7.60 -27.57 -20.66
CA MET B 201 7.34 -26.25 -21.25
C MET B 201 7.91 -26.17 -22.67
N GLY B 202 9.09 -26.78 -22.89
CA GLY B 202 9.65 -26.78 -24.24
C GLY B 202 8.72 -27.40 -25.27
N ALA B 203 8.03 -28.48 -24.89
CA ALA B 203 7.02 -29.05 -25.76
C ALA B 203 5.91 -28.03 -26.03
N MET B 204 5.33 -27.48 -24.96
CA MET B 204 4.27 -26.48 -25.12
C MET B 204 4.68 -25.35 -26.04
N VAL B 205 5.97 -25.00 -26.05
CA VAL B 205 6.43 -23.91 -26.92
C VAL B 205 6.36 -24.34 -28.38
N GLU B 206 7.01 -25.45 -28.72
CA GLU B 206 6.98 -25.98 -30.08
C GLU B 206 5.54 -26.09 -30.57
N GLU B 207 4.64 -26.61 -29.73
CA GLU B 207 3.25 -26.76 -30.12
C GLU B 207 2.62 -25.42 -30.47
N ARG B 208 3.02 -24.34 -29.79
CA ARG B 208 2.45 -23.02 -30.02
C ARG B 208 3.12 -22.28 -31.17
N ARG B 209 4.36 -22.62 -31.49
CA ARG B 209 4.97 -22.08 -32.71
C ARG B 209 4.25 -22.59 -33.95
N ALA B 210 3.87 -23.86 -33.95
CA ALA B 210 3.05 -24.43 -35.02
C ALA B 210 1.61 -24.59 -34.53
N ARG B 211 0.93 -23.43 -34.43
CA ARG B 211 -0.45 -23.28 -33.97
C ARG B 211 -0.48 -22.27 -32.82
N PRO B 212 -0.52 -20.96 -33.09
CA PRO B 212 -0.61 -20.00 -31.99
C PRO B 212 -1.95 -20.12 -31.26
N THR B 213 -1.93 -19.77 -29.97
CA THR B 213 -3.15 -19.75 -29.17
C THR B 213 -3.19 -18.49 -28.31
N ASP B 214 -4.42 -18.09 -27.96
CA ASP B 214 -4.71 -16.88 -27.21
C ASP B 214 -4.66 -17.07 -25.70
N ASP B 215 -3.73 -17.87 -25.18
CA ASP B 215 -3.51 -17.96 -23.75
C ASP B 215 -2.21 -17.25 -23.39
N MET B 216 -1.84 -17.33 -22.10
CA MET B 216 -0.71 -16.57 -21.59
C MET B 216 0.62 -17.17 -22.01
N PHE B 217 0.71 -18.50 -22.09
CA PHE B 217 1.93 -19.11 -22.60
C PHE B 217 2.08 -18.81 -24.08
N GLY B 218 0.98 -18.82 -24.83
CA GLY B 218 1.03 -18.38 -26.20
C GLY B 218 1.41 -16.91 -26.33
N MET B 219 1.01 -16.09 -25.36
CA MET B 219 1.44 -14.71 -25.41
C MET B 219 2.93 -14.61 -25.17
N LEU B 220 3.44 -15.39 -24.22
CA LEU B 220 4.87 -15.37 -23.93
C LEU B 220 5.67 -15.82 -25.15
N VAL B 221 5.14 -16.79 -25.89
CA VAL B 221 5.85 -17.32 -27.05
C VAL B 221 5.92 -16.25 -28.14
N ARG B 222 4.85 -15.48 -28.32
CA ARG B 222 4.88 -14.37 -29.27
C ARG B 222 5.80 -13.26 -28.79
N ALA B 223 5.86 -13.02 -27.48
CA ALA B 223 6.79 -12.04 -26.95
C ALA B 223 8.23 -12.43 -27.22
N CYS B 224 8.51 -13.73 -27.31
CA CYS B 224 9.85 -14.21 -27.59
C CYS B 224 10.10 -14.28 -29.10
N ASP B 225 9.19 -14.91 -29.84
CA ASP B 225 9.43 -15.21 -31.24
C ASP B 225 9.07 -14.06 -32.17
N GLU B 226 7.95 -13.38 -31.92
CA GLU B 226 7.52 -12.31 -32.81
C GLU B 226 8.14 -10.98 -32.44
N GLU B 227 8.05 -10.58 -31.17
CA GLU B 227 8.47 -9.25 -30.74
C GLU B 227 9.93 -9.18 -30.28
N GLY B 228 10.58 -10.31 -30.06
CA GLY B 228 11.92 -10.27 -29.51
C GLY B 228 12.01 -9.53 -28.20
N ARG B 229 10.90 -9.41 -27.48
CA ARG B 229 10.87 -8.70 -26.21
C ARG B 229 11.65 -9.46 -25.15
N ILE B 230 11.51 -10.78 -25.12
CA ILE B 230 12.21 -11.62 -24.15
C ILE B 230 12.97 -12.71 -24.90
N THR B 231 13.95 -13.28 -24.20
CA THR B 231 14.67 -14.45 -24.67
C THR B 231 13.90 -15.71 -24.27
N GLU B 232 14.31 -16.85 -24.84
CA GLU B 232 13.71 -18.12 -24.44
C GLU B 232 13.91 -18.38 -22.94
N ILE B 233 15.11 -18.07 -22.43
CA ILE B 233 15.40 -18.25 -21.01
C ILE B 233 14.43 -17.46 -20.16
N GLU B 234 14.13 -16.22 -20.56
CA GLU B 234 13.20 -15.40 -19.79
C GLU B 234 11.77 -15.91 -19.94
N MET B 235 11.41 -16.39 -21.13
CA MET B 235 10.07 -16.93 -21.36
C MET B 235 9.81 -18.11 -20.43
N HIS B 236 10.75 -19.03 -20.33
CA HIS B 236 10.59 -20.18 -19.44
C HIS B 236 10.54 -19.72 -17.99
N ALA B 237 11.44 -18.81 -17.61
CA ALA B 237 11.51 -18.36 -16.22
C ALA B 237 10.19 -17.75 -15.79
N LEU B 238 9.59 -16.93 -16.65
CA LEU B 238 8.32 -16.29 -16.33
C LEU B 238 7.21 -17.32 -16.18
N ALA B 239 7.12 -18.26 -17.12
CA ALA B 239 6.16 -19.35 -16.98
C ALA B 239 6.38 -20.14 -15.70
N SER B 240 7.65 -20.41 -15.38
CA SER B 240 8.00 -21.14 -14.17
C SER B 240 7.58 -20.35 -12.93
N ASP B 241 7.82 -19.04 -12.93
CA ASP B 241 7.44 -18.21 -11.79
C ASP B 241 5.95 -18.31 -11.53
N LEU B 242 5.14 -18.16 -12.59
CA LEU B 242 3.69 -18.13 -12.42
C LEU B 242 3.14 -19.49 -12.03
N LEU B 243 3.70 -20.57 -12.56
CA LEU B 243 3.23 -21.92 -12.30
C LEU B 243 3.78 -22.50 -11.01
N SER B 244 4.76 -21.82 -10.40
CA SER B 244 5.28 -22.20 -9.10
C SER B 244 4.57 -21.44 -7.99
N ALA B 245 4.35 -20.14 -8.18
CA ALA B 245 3.82 -19.27 -7.14
C ALA B 245 2.31 -19.04 -7.28
N GLY B 246 1.68 -19.55 -8.33
CA GLY B 246 0.35 -19.12 -8.70
C GLY B 246 -0.80 -19.92 -8.16
N PHE B 247 -0.57 -21.03 -7.43
CA PHE B 247 -1.73 -21.71 -6.86
C PHE B 247 -1.55 -22.35 -5.50
N VAL B 248 -0.33 -22.75 -5.13
CA VAL B 248 -0.18 -23.48 -3.88
C VAL B 248 -0.57 -22.61 -2.69
N SER B 249 -0.15 -21.33 -2.69
CA SER B 249 -0.43 -20.46 -1.56
C SER B 249 -1.92 -20.16 -1.45
N THR B 250 -2.58 -19.90 -2.58
CA THR B 250 -4.02 -19.69 -2.55
C THR B 250 -4.75 -20.91 -1.99
N ALA B 251 -4.34 -22.11 -2.39
CA ALA B 251 -4.93 -23.33 -1.86
C ALA B 251 -4.79 -23.38 -0.34
N HIS B 252 -3.59 -23.10 0.16
CA HIS B 252 -3.37 -23.09 1.61
C HIS B 252 -4.28 -22.08 2.27
N GLN B 253 -4.40 -20.86 1.71
CA GLN B 253 -5.19 -19.82 2.35
C GLN B 253 -6.69 -20.18 2.32
N ILE B 254 -7.16 -20.84 1.24
CA ILE B 254 -8.57 -21.25 1.19
C ILE B 254 -8.90 -22.13 2.38
N ALA B 255 -7.99 -23.04 2.72
CA ALA B 255 -8.19 -23.91 3.88
C ALA B 255 -8.03 -23.13 5.19
N ASN B 256 -7.01 -22.28 5.25
CA ASN B 256 -6.75 -21.53 6.48
C ASN B 256 -7.90 -20.57 6.79
N PHE B 257 -8.40 -19.86 5.78
CA PHE B 257 -9.47 -18.89 6.02
C PHE B 257 -10.74 -19.60 6.48
N THR B 258 -11.11 -20.69 5.79
CA THR B 258 -12.30 -21.44 6.18
C THR B 258 -12.16 -21.99 7.60
N ALA B 259 -10.97 -22.49 7.95
CA ALA B 259 -10.75 -23.04 9.29
C ALA B 259 -10.87 -21.95 10.35
N MET B 260 -10.22 -20.80 10.13
CA MET B 260 -10.39 -19.67 11.04
C MET B 260 -11.86 -19.37 11.26
N LEU B 261 -12.63 -19.34 10.16
CA LEU B 261 -14.03 -18.94 10.25
C LEU B 261 -14.86 -20.02 10.96
N LEU B 262 -14.67 -21.28 10.59
CA LEU B 262 -15.45 -22.35 11.22
C LEU B 262 -15.11 -22.52 12.69
N ALA B 263 -13.91 -22.09 13.11
CA ALA B 263 -13.52 -22.18 14.51
C ALA B 263 -14.25 -21.16 15.37
N ARG B 264 -15.00 -20.23 14.76
CA ARG B 264 -15.67 -19.20 15.53
C ARG B 264 -17.09 -19.63 15.88
N PRO B 265 -17.59 -19.14 17.02
CA PRO B 265 -18.94 -19.56 17.47
C PRO B 265 -20.01 -19.37 16.41
N GLU B 266 -20.00 -18.22 15.73
CA GLU B 266 -20.97 -17.89 14.70
C GLU B 266 -20.60 -18.46 13.33
N ARG B 267 -19.39 -19.04 13.21
CA ARG B 267 -18.89 -19.67 11.99
C ARG B 267 -19.10 -18.68 10.84
N LEU B 268 -19.74 -19.08 9.74
CA LEU B 268 -19.92 -18.25 8.56
C LEU B 268 -21.11 -17.30 8.66
N GLN B 269 -21.96 -17.47 9.67
CA GLN B 269 -23.20 -16.72 9.76
C GLN B 269 -23.06 -15.22 9.52
N PRO B 270 -22.09 -14.51 10.11
CA PRO B 270 -22.01 -13.06 9.87
C PRO B 270 -21.81 -12.71 8.39
N LEU B 271 -21.03 -13.52 7.66
CA LEU B 271 -20.86 -13.32 6.22
C LEU B 271 -22.05 -13.84 5.42
N VAL B 272 -22.83 -14.76 5.99
CA VAL B 272 -24.13 -15.07 5.42
C VAL B 272 -25.05 -13.86 5.54
N ASP B 273 -25.10 -13.25 6.74
CA ASP B 273 -26.02 -12.15 6.99
C ASP B 273 -25.64 -10.91 6.18
N LYS B 274 -24.34 -10.68 5.99
CA LYS B 274 -23.83 -9.43 5.42
C LYS B 274 -22.81 -9.80 4.35
N PRO B 275 -23.26 -10.33 3.21
CA PRO B 275 -22.31 -10.70 2.14
C PRO B 275 -21.43 -9.55 1.70
N GLU B 276 -21.89 -8.31 1.84
CA GLU B 276 -21.10 -7.16 1.43
C GLU B 276 -19.80 -7.00 2.23
N GLN B 277 -19.67 -7.69 3.36
CA GLN B 277 -18.49 -7.63 4.21
C GLN B 277 -17.46 -8.69 3.86
N ILE B 278 -17.74 -9.54 2.86
CA ILE B 278 -16.80 -10.60 2.50
C ILE B 278 -15.46 -10.00 2.09
N PRO B 279 -15.39 -8.98 1.24
CA PRO B 279 -14.09 -8.38 0.90
C PRO B 279 -13.25 -7.97 2.10
N ALA B 280 -13.87 -7.35 3.13
CA ALA B 280 -13.12 -6.96 4.31
C ALA B 280 -12.63 -8.19 5.07
N ALA B 281 -13.47 -9.21 5.18
CA ALA B 281 -13.06 -10.45 5.84
C ALA B 281 -11.83 -11.05 5.17
N VAL B 282 -11.78 -11.02 3.85
CA VAL B 282 -10.62 -11.53 3.13
C VAL B 282 -9.38 -10.74 3.49
N GLU B 283 -9.50 -9.40 3.57
CA GLU B 283 -8.33 -8.59 3.91
C GLU B 283 -7.89 -8.82 5.35
N GLU B 284 -8.85 -8.90 6.29
CA GLU B 284 -8.46 -9.15 7.68
C GLU B 284 -7.78 -10.52 7.81
N LEU B 285 -8.32 -11.54 7.15
CA LEU B 285 -7.69 -12.86 7.20
C LEU B 285 -6.32 -12.85 6.55
N MET B 286 -6.13 -12.04 5.50
CA MET B 286 -4.81 -11.89 4.91
C MET B 286 -3.84 -11.29 5.92
N ARG B 287 -4.32 -10.34 6.72
CA ARG B 287 -3.49 -9.75 7.77
C ARG B 287 -3.17 -10.76 8.86
N HIS B 288 -4.18 -11.57 9.24
CA HIS B 288 -4.11 -12.33 10.48
C HIS B 288 -3.33 -13.63 10.31
N VAL B 289 -3.66 -14.41 9.29
CA VAL B 289 -3.09 -15.75 9.11
C VAL B 289 -1.58 -15.68 8.93
N PRO B 290 -0.77 -16.29 9.81
CA PRO B 290 0.66 -16.45 9.54
C PRO B 290 0.90 -17.56 8.52
N ILE B 291 0.80 -17.23 7.23
CA ILE B 291 0.82 -18.29 6.22
C ILE B 291 2.19 -18.97 6.18
N LEU B 292 3.25 -18.26 6.51
CA LEU B 292 4.60 -18.79 6.33
C LEU B 292 5.15 -19.37 7.61
N SER B 293 5.65 -20.61 7.53
CA SER B 293 6.42 -21.20 8.61
C SER B 293 7.87 -20.72 8.58
N GLY B 294 8.38 -20.38 7.41
CA GLY B 294 9.73 -19.86 7.32
C GLY B 294 9.74 -18.37 7.05
N PHE B 295 10.22 -17.97 5.88
CA PHE B 295 10.29 -16.58 5.46
C PHE B 295 10.63 -16.58 3.97
N SER B 296 10.44 -15.42 3.35
CA SER B 296 10.61 -15.30 1.92
C SER B 296 12.07 -15.12 1.56
N PHE B 297 12.33 -14.21 0.65
CA PHE B 297 13.71 -13.90 0.25
C PHE B 297 14.27 -12.85 1.20
N PRO B 298 15.49 -13.02 1.70
CA PRO B 298 16.14 -11.90 2.40
C PRO B 298 16.56 -10.85 1.40
N ARG B 299 16.66 -9.62 1.88
CA ARG B 299 17.18 -8.51 1.11
C ARG B 299 18.49 -8.05 1.73
N TYR B 300 19.30 -7.34 0.94
CA TYR B 300 20.64 -6.95 1.36
C TYR B 300 20.82 -5.45 1.18
N ALA B 301 21.40 -4.82 2.19
CA ALA B 301 21.70 -3.40 2.10
C ALA B 301 22.70 -3.14 0.99
N THR B 302 22.42 -2.13 0.16
CA THR B 302 23.36 -1.66 -0.85
C THR B 302 24.25 -0.53 -0.33
N GLU B 303 23.98 -0.06 0.88
CA GLU B 303 24.75 0.97 1.55
C GLU B 303 24.37 0.89 3.03
N ASP B 304 25.20 1.50 3.87
CA ASP B 304 24.89 1.54 5.30
C ASP B 304 23.58 2.30 5.54
N LEU B 305 22.78 1.79 6.48
CA LEU B 305 21.50 2.43 6.80
C LEU B 305 21.07 2.09 8.22
N GLU B 306 20.14 2.89 8.75
CA GLU B 306 19.70 2.81 10.13
C GLU B 306 18.32 2.16 10.21
N MET B 307 18.20 1.10 11.01
CA MET B 307 16.93 0.41 11.19
C MET B 307 16.76 -0.03 12.64
N SER B 308 15.72 0.50 13.29
CA SER B 308 15.36 0.17 14.67
C SER B 308 16.59 0.12 15.58
N GLY B 309 17.28 1.27 15.64
CA GLY B 309 18.40 1.46 16.54
C GLY B 309 19.70 0.85 16.10
N VAL B 310 19.74 0.18 14.95
CA VAL B 310 20.92 -0.54 14.51
C VAL B 310 21.37 -0.03 13.15
N THR B 311 22.69 0.08 12.97
CA THR B 311 23.27 0.42 11.68
C THR B 311 23.49 -0.87 10.89
N VAL B 312 22.72 -1.08 9.84
CA VAL B 312 22.87 -2.25 8.98
C VAL B 312 23.91 -1.94 7.91
N ARG B 313 24.93 -2.78 7.81
CA ARG B 313 26.06 -2.51 6.94
C ARG B 313 25.79 -3.04 5.53
N ARG B 314 26.33 -2.33 4.56
CA ARG B 314 26.29 -2.71 3.16
C ARG B 314 26.57 -4.19 2.98
N GLY B 315 25.65 -4.89 2.33
CA GLY B 315 25.78 -6.30 2.11
C GLY B 315 25.09 -7.18 3.12
N GLU B 316 24.88 -6.68 4.34
CA GLU B 316 24.23 -7.48 5.37
C GLU B 316 22.76 -7.70 5.00
N ALA B 317 22.26 -8.87 5.39
CA ALA B 317 20.93 -9.35 5.01
C ALA B 317 19.90 -9.01 6.07
N VAL B 318 18.68 -8.74 5.64
CA VAL B 318 17.57 -8.46 6.54
C VAL B 318 16.36 -9.24 6.06
N ILE B 319 15.74 -9.99 6.98
CA ILE B 319 14.60 -10.83 6.62
C ILE B 319 13.29 -10.06 6.84
N PRO B 320 12.41 -9.97 5.84
CA PRO B 320 11.12 -9.29 6.05
C PRO B 320 10.06 -10.24 6.60
N VAL B 321 9.76 -10.14 7.89
CA VAL B 321 8.81 -11.06 8.53
C VAL B 321 7.43 -10.42 8.36
N ILE B 322 6.75 -10.83 7.28
CA ILE B 322 5.43 -10.27 6.95
C ILE B 322 4.44 -10.51 8.08
N ALA B 323 4.45 -11.71 8.68
CA ALA B 323 3.49 -12.01 9.74
C ALA B 323 3.66 -11.11 10.96
N ALA B 324 4.90 -10.67 11.25
CA ALA B 324 5.12 -9.76 12.36
C ALA B 324 4.67 -8.35 12.00
N ALA B 325 4.98 -7.89 10.79
CA ALA B 325 4.47 -6.60 10.32
C ALA B 325 2.96 -6.53 10.49
N ASN B 326 2.26 -7.61 10.12
CA ASN B 326 0.80 -7.63 10.13
C ASN B 326 0.21 -7.67 11.53
N ARG B 327 1.03 -7.78 12.57
CA ARG B 327 0.57 -7.66 13.94
C ARG B 327 1.33 -6.58 14.69
N ASP B 328 1.79 -5.55 13.99
CA ASP B 328 2.51 -4.46 14.63
C ASP B 328 1.64 -3.84 15.70
N PRO B 329 2.09 -3.77 16.96
CA PRO B 329 1.19 -3.31 18.03
C PRO B 329 0.73 -1.87 17.84
N ASP B 330 1.51 -1.04 17.16
CA ASP B 330 1.16 0.37 16.99
C ASP B 330 0.33 0.62 15.75
N VAL B 331 0.48 -0.22 14.72
CA VAL B 331 -0.39 -0.09 13.55
C VAL B 331 -1.76 -0.71 13.83
N TYR B 332 -1.79 -1.85 14.51
CA TYR B 332 -3.03 -2.62 14.71
C TYR B 332 -3.30 -2.83 16.20
N PRO B 333 -4.21 -2.06 16.81
CA PRO B 333 -4.59 -2.34 18.20
C PRO B 333 -5.20 -3.73 18.30
N ASP B 334 -4.94 -4.41 19.41
CA ASP B 334 -5.51 -5.73 19.64
C ASP B 334 -5.26 -6.63 18.43
N ALA B 335 -3.99 -6.73 18.04
CA ALA B 335 -3.63 -7.25 16.73
C ALA B 335 -3.87 -8.75 16.64
N GLY B 336 -3.86 -9.45 17.77
CA GLY B 336 -4.12 -10.87 17.75
C GLY B 336 -5.57 -11.23 17.53
N ARG B 337 -6.48 -10.27 17.65
CA ARG B 337 -7.90 -10.51 17.47
C ARG B 337 -8.24 -10.47 15.98
N LEU B 338 -8.97 -11.48 15.52
CA LEU B 338 -9.50 -11.48 14.17
C LEU B 338 -10.84 -10.75 14.21
N ASP B 339 -10.84 -9.53 13.70
CA ASP B 339 -12.02 -8.66 13.67
C ASP B 339 -12.29 -8.43 12.19
N LEU B 340 -13.32 -9.10 11.65
CA LEU B 340 -13.61 -9.04 10.22
C LEU B 340 -14.12 -7.68 9.78
N GLU B 341 -14.35 -6.76 10.71
CA GLU B 341 -14.66 -5.38 10.41
C GLU B 341 -13.54 -4.43 10.82
N ARG B 342 -12.38 -4.98 11.22
CA ARG B 342 -11.25 -4.12 11.51
C ARG B 342 -11.00 -3.16 10.35
N ASN B 343 -11.06 -3.67 9.13
CA ASN B 343 -10.88 -2.84 7.94
C ASN B 343 -9.68 -1.93 8.11
N GLY B 344 -8.62 -2.48 8.69
CA GLY B 344 -7.52 -1.68 9.16
C GLY B 344 -6.54 -1.30 8.08
N LEU B 345 -5.47 -0.63 8.53
CA LEU B 345 -4.44 -0.14 7.65
C LEU B 345 -3.85 -1.27 6.81
N PRO B 346 -3.31 -0.94 5.64
CA PRO B 346 -2.98 -1.98 4.63
C PRO B 346 -1.93 -2.97 5.12
N HIS B 347 -2.34 -4.25 5.16
CA HIS B 347 -1.44 -5.32 5.55
C HIS B 347 -0.36 -5.54 4.49
N LEU B 348 0.71 -6.20 4.92
CA LEU B 348 1.83 -6.53 4.04
C LEU B 348 1.75 -7.98 3.54
N GLY B 349 0.55 -8.57 3.56
CA GLY B 349 0.38 -9.97 3.23
C GLY B 349 0.62 -10.32 1.78
N PHE B 350 0.48 -9.36 0.88
CA PHE B 350 0.89 -9.55 -0.51
C PHE B 350 2.25 -8.91 -0.77
N GLY B 351 2.93 -8.44 0.28
CA GLY B 351 4.23 -7.84 0.13
C GLY B 351 4.15 -6.34 -0.11
N GLN B 352 5.16 -5.79 -0.76
CA GLN B 352 5.28 -4.35 -0.98
C GLN B 352 6.46 -4.10 -1.89
N GLY B 353 6.45 -2.95 -2.55
CA GLY B 353 7.55 -2.58 -3.42
C GLY B 353 7.58 -3.40 -4.69
N PRO B 354 8.76 -3.49 -5.32
CA PRO B 354 8.83 -4.15 -6.63
C PRO B 354 8.16 -5.52 -6.70
N HIS B 355 8.39 -6.39 -5.72
CA HIS B 355 7.99 -7.79 -5.80
C HIS B 355 6.60 -8.02 -5.21
N PHE B 356 5.88 -6.96 -4.84
CA PHE B 356 4.48 -7.06 -4.46
C PHE B 356 3.76 -8.04 -5.37
N CYS B 357 3.03 -8.97 -4.77
CA CYS B 357 2.45 -10.10 -5.49
C CYS B 357 1.78 -9.66 -6.78
N ILE B 358 2.28 -10.17 -7.90
CA ILE B 358 1.70 -9.83 -9.19
C ILE B 358 0.27 -10.38 -9.27
N GLY B 359 -0.03 -11.45 -8.55
CA GLY B 359 -1.35 -12.03 -8.60
C GLY B 359 -2.27 -11.62 -7.46
N ALA B 360 -1.97 -10.50 -6.81
CA ALA B 360 -2.68 -10.15 -5.59
C ALA B 360 -4.17 -9.99 -5.84
N HIS B 361 -4.56 -9.40 -6.97
CA HIS B 361 -5.97 -9.20 -7.20
C HIS B 361 -6.67 -10.50 -7.58
N LEU B 362 -5.98 -11.37 -8.32
CA LEU B 362 -6.53 -12.70 -8.60
C LEU B 362 -6.73 -13.50 -7.32
N ALA B 363 -5.78 -13.40 -6.40
CA ALA B 363 -5.93 -14.08 -5.11
C ALA B 363 -7.12 -13.53 -4.34
N ARG B 364 -7.29 -12.21 -4.35
CA ARG B 364 -8.45 -11.60 -3.69
C ARG B 364 -9.75 -12.06 -4.34
N VAL B 365 -9.78 -12.16 -5.67
CA VAL B 365 -10.98 -12.63 -6.34
C VAL B 365 -11.28 -14.08 -5.95
N GLU B 366 -10.26 -14.95 -6.07
CA GLU B 366 -10.43 -16.36 -5.70
C GLU B 366 -10.93 -16.50 -4.27
N LEU B 367 -10.34 -15.76 -3.34
CA LEU B 367 -10.73 -15.90 -1.93
C LEU B 367 -12.12 -15.32 -1.67
N GLN B 368 -12.46 -14.22 -2.32
CA GLN B 368 -13.81 -13.66 -2.18
C GLN B 368 -14.85 -14.60 -2.74
N VAL B 369 -14.59 -15.16 -3.92
CA VAL B 369 -15.54 -16.07 -4.55
C VAL B 369 -15.71 -17.33 -3.70
N VAL B 370 -14.61 -17.86 -3.16
CA VAL B 370 -14.71 -19.02 -2.30
C VAL B 370 -15.70 -18.75 -1.17
N LEU B 371 -15.53 -17.62 -0.48
CA LEU B 371 -16.38 -17.31 0.65
C LEU B 371 -17.82 -17.06 0.23
N GLU B 372 -18.01 -16.40 -0.92
CA GLU B 372 -19.36 -16.21 -1.43
C GLU B 372 -20.04 -17.55 -1.66
N ALA B 373 -19.35 -18.46 -2.36
CA ALA B 373 -19.95 -19.74 -2.70
C ALA B 373 -20.23 -20.58 -1.47
N LEU B 374 -19.36 -20.51 -0.46
CA LEU B 374 -19.57 -21.31 0.74
C LEU B 374 -20.71 -20.74 1.59
N THR B 375 -20.80 -19.41 1.70
CA THR B 375 -21.88 -18.82 2.49
C THR B 375 -23.22 -18.98 1.80
N GLU B 376 -23.27 -18.73 0.48
CA GLU B 376 -24.53 -18.85 -0.23
C GLU B 376 -25.03 -20.29 -0.28
N ARG B 377 -24.11 -21.25 -0.30
CA ARG B 377 -24.40 -22.66 -0.55
C ARG B 377 -24.41 -23.50 0.72
N PHE B 378 -23.49 -23.24 1.65
CA PHE B 378 -23.37 -24.03 2.88
C PHE B 378 -23.36 -23.08 4.09
N PRO B 379 -24.45 -22.34 4.32
CA PRO B 379 -24.45 -21.37 5.44
C PRO B 379 -24.17 -21.99 6.79
N ASP B 380 -24.52 -23.27 7.01
CA ASP B 380 -24.29 -23.93 8.28
C ASP B 380 -23.09 -24.87 8.23
N LEU B 381 -22.17 -24.61 7.31
CA LEU B 381 -20.88 -25.29 7.28
C LEU B 381 -20.26 -25.34 8.68
N ARG B 382 -19.59 -26.44 8.98
CA ARG B 382 -18.98 -26.66 10.28
C ARG B 382 -17.83 -27.63 10.10
N PHE B 383 -16.90 -27.64 11.05
CA PHE B 383 -15.90 -28.69 11.09
C PHE B 383 -16.60 -30.05 11.08
N GLY B 384 -16.04 -30.99 10.31
CA GLY B 384 -16.54 -32.35 10.28
C GLY B 384 -15.83 -33.29 11.21
N ILE B 385 -14.83 -32.77 11.92
CA ILE B 385 -14.12 -33.49 12.97
C ILE B 385 -13.88 -32.53 14.12
N PRO B 386 -13.61 -33.04 15.32
CA PRO B 386 -13.28 -32.13 16.43
C PRO B 386 -12.09 -31.25 16.05
N GLU B 387 -12.15 -29.98 16.47
CA GLU B 387 -11.12 -29.05 16.02
C GLU B 387 -9.73 -29.51 16.43
N ASN B 388 -9.60 -30.17 17.59
CA ASN B 388 -8.31 -30.62 18.08
C ASN B 388 -7.74 -31.79 17.30
N ALA B 389 -8.49 -32.36 16.35
CA ALA B 389 -8.00 -33.44 15.52
C ALA B 389 -7.44 -32.97 14.18
N LEU B 390 -7.57 -31.69 13.86
CA LEU B 390 -7.14 -31.18 12.57
C LEU B 390 -5.67 -31.49 12.30
N LYS B 391 -5.37 -31.81 11.05
CA LYS B 391 -4.04 -32.24 10.65
C LYS B 391 -3.26 -31.03 10.14
N TRP B 392 -2.73 -30.24 11.06
CA TRP B 392 -1.88 -29.12 10.67
C TRP B 392 -0.52 -29.62 10.19
N LYS B 393 -0.02 -28.99 9.14
CA LYS B 393 1.32 -29.31 8.66
C LYS B 393 2.35 -28.87 9.68
N ARG B 394 3.26 -29.76 10.05
CA ARG B 394 4.20 -29.52 11.18
C ARG B 394 5.54 -28.90 10.76
N GLY B 395 6.32 -29.50 9.87
CA GLY B 395 7.66 -28.96 9.55
C GLY B 395 7.71 -28.24 8.24
N HIS B 396 6.58 -27.89 7.66
CA HIS B 396 6.51 -27.35 6.28
C HIS B 396 6.80 -25.86 6.17
N PHE B 397 7.07 -25.37 4.97
CA PHE B 397 7.39 -23.97 4.67
C PHE B 397 6.17 -23.09 4.84
N MET B 398 5.01 -23.56 4.40
CA MET B 398 3.74 -22.88 4.59
C MET B 398 2.92 -23.58 5.67
N ASN B 399 2.28 -22.79 6.51
CA ASN B 399 1.30 -23.34 7.44
C ASN B 399 0.01 -23.66 6.70
N GLY B 400 -0.63 -24.75 7.10
CA GLY B 400 -1.87 -25.13 6.48
C GLY B 400 -2.36 -26.43 7.05
N LEU B 401 -3.31 -27.04 6.35
CA LEU B 401 -3.93 -28.29 6.77
C LEU B 401 -3.68 -29.36 5.72
N HIS B 402 -3.36 -30.58 6.18
CA HIS B 402 -3.31 -31.71 5.26
C HIS B 402 -4.69 -32.07 4.74
N GLU B 403 -5.70 -31.95 5.61
CA GLU B 403 -7.09 -32.20 5.28
C GLU B 403 -7.92 -31.17 6.04
N LEU B 404 -9.10 -30.88 5.53
CA LEU B 404 -10.06 -30.00 6.22
C LEU B 404 -11.44 -30.62 6.08
N PRO B 405 -11.77 -31.60 6.91
CA PRO B 405 -13.13 -32.19 6.88
C PRO B 405 -14.17 -31.15 7.27
N VAL B 406 -15.19 -31.01 6.44
CA VAL B 406 -16.28 -30.07 6.70
C VAL B 406 -17.59 -30.83 6.61
N ALA B 407 -18.60 -30.35 7.34
CA ALA B 407 -19.91 -30.98 7.37
C ALA B 407 -20.99 -29.93 7.12
N TRP B 408 -22.12 -30.42 6.61
CA TRP B 408 -23.28 -29.61 6.26
C TRP B 408 -24.51 -30.52 6.29
CHA HEM C . 3.85 14.00 0.52
CHB HEM C . -0.98 13.69 1.05
CHC HEM C . -0.65 15.32 5.60
CHD HEM C . 4.12 15.97 5.00
C1A HEM C . 2.51 13.70 0.27
C2A HEM C . 1.96 13.03 -0.90
C3A HEM C . 0.64 12.96 -0.73
C4A HEM C . 0.30 13.58 0.54
CMA HEM C . -0.39 12.34 -1.70
CAA HEM C . 2.75 12.51 -2.11
CBA HEM C . 2.56 13.44 -3.29
CGA HEM C . 3.34 12.96 -4.49
O1A HEM C . 4.03 11.92 -4.36
O2A HEM C . 3.26 13.61 -5.57
C1B HEM C . -1.29 14.15 2.31
C2B HEM C . -2.62 14.33 2.82
C3B HEM C . -2.52 14.78 4.07
C4B HEM C . -1.12 14.89 4.38
CMB HEM C . -3.90 14.05 2.02
CAB HEM C . -3.61 15.12 5.09
CBB HEM C . -4.86 14.66 4.94
C1C HEM C . 0.68 15.56 5.85
C2C HEM C . 1.25 15.79 7.16
C3C HEM C . 2.55 15.95 7.02
C4C HEM C . 2.88 15.86 5.61
CMC HEM C . 0.44 15.81 8.48
CAC HEM C . 3.51 16.23 8.19
CBC HEM C . 4.78 15.86 8.09
C1D HEM C . 4.47 15.49 3.73
C2D HEM C . 5.80 15.53 3.13
C3D HEM C . 5.73 15.02 1.90
C4D HEM C . 4.35 14.61 1.67
CMD HEM C . 7.06 16.09 3.81
CAD HEM C . 6.89 14.84 0.91
CBD HEM C . 7.55 13.50 1.22
CGD HEM C . 8.56 13.06 0.19
O1D HEM C . 9.34 12.11 0.49
O2D HEM C . 8.59 13.66 -0.91
NA HEM C . 1.47 14.02 1.14
NB HEM C . -0.38 14.50 3.28
NC HEM C . 1.70 15.61 4.93
ND HEM C . 3.61 14.92 2.81
FE HEM C . 1.64 14.61 3.11
HHB HEM C . -1.72 13.43 0.47
HHC HEM C . -1.29 15.47 6.32
HHD HEM C . 4.83 16.42 5.52
HMA HEM C . -1.27 12.33 -1.27
HMAA HEM C . -0.11 11.42 -1.92
HMAB HEM C . -0.42 12.88 -2.51
HAA HEM C . 2.43 11.62 -2.34
HAAA HEM C . 3.70 12.46 -1.88
HBA HEM C . 2.87 14.32 -3.05
HBAA HEM C . 1.62 13.48 -3.52
HMB HEM C . -3.70 14.08 1.07
HMBA HEM C . -4.57 14.73 2.22
HMBB HEM C . -4.25 13.18 2.26
HAB HEM C . -3.41 15.69 5.84
HBB HEM C . -5.54 14.88 5.59
HBBA HEM C . -5.07 14.09 4.19
HMC HEM C . 1.05 15.98 9.21
HMCA HEM C . 0.02 14.95 8.61
HMCB HEM C . -0.24 16.49 8.44
HAC HEM C . 3.17 16.65 8.98
HBC HEM C . 5.38 16.03 8.84
HBCA HEM C . 5.10 15.43 7.30
HMD HEM C . 7.84 15.93 3.23
HMDA HEM C . 7.19 15.64 4.67
HMDB HEM C . 6.96 17.06 3.95
HAD HEM C . 7.53 15.56 1.01
HADA HEM C . 6.54 14.83 0.00
HBD HEM C . 6.86 12.83 1.28
HBDA HEM C . 8.00 13.58 2.07
HHA HEM C . 4.50 13.76 -0.18
C10 EIA D . 2.86 20.05 -3.19
C13 EIA D . -1.73 16.80 -0.31
C17 EIA D . 4.43 21.69 -0.14
C20 EIA D . 6.84 21.03 0.23
C21 EIA D . 5.56 20.74 0.15
C22 EIA D . 10.56 23.41 -0.74
C28 EIA D . 5.97 22.05 -3.29
C12 EIA D . 3.44 21.11 -1.15
C16 EIA D . 4.68 21.82 -3.25
C19 EIA D . 7.42 22.40 0.14
C23 EIA D . 9.53 23.69 0.34
C25 EIA D . 10.47 24.22 -2.02
C27 EIA D . 6.62 23.13 -4.00
C29 EIA D . 8.61 24.48 -4.62
C30 EIA D . 7.94 23.37 -3.94
C32 EIA D . 10.20 23.39 -3.29
N24 EIA D . 8.74 22.50 0.39
C1 EIA D . -1.09 17.80 -1.27
C11 EIA D . 4.07 20.68 -2.50
C14 EIA D . -3.20 17.06 -0.02
C15 EIA D . -0.98 15.76 -2.86
C2 EIA D . -0.93 17.28 -2.71
C3 EIA D . 0.41 17.86 -3.20
C33 EIA D . 8.93 22.56 -3.30
C4 EIA D . 0.88 18.87 -2.17
C5 EIA D . 0.35 18.20 -0.89
C6 EIA D . 2.38 19.11 -2.08
C7 EIA D . 2.79 19.77 -0.72
C8 EIA D . 1.70 19.80 0.31
C9 EIA D . 0.58 19.09 0.29
N31 EIA D . 9.91 24.41 -4.29
O18 EIA D . 6.76 23.39 -0.12
O26 EIA D . 5.82 23.96 -4.70
O34 EIA D . 8.09 25.36 -5.31
O35 EIA D . 8.89 21.41 -2.89
H10B EIA D . 2.12 20.80 -3.48
H10A EIA D . 3.14 19.53 -4.11
H13A EIA D . -1.19 16.78 0.63
H13B EIA D . -1.63 15.78 -0.71
H17B EIA D . 4.85 22.63 -0.51
H17A EIA D . 3.93 21.96 0.79
HC20 EIA D . 7.59 20.26 0.38
HC21 EIA D . 5.25 19.71 0.31
H22B EIA D . 10.54 22.36 -0.99
H22A EIA D . 11.56 23.55 -0.32
HC28 EIA D . 6.67 21.39 -2.79
HC12 EIA D . 2.64 21.84 -1.34
HC16 EIA D . 3.96 22.46 -3.77
H23B EIA D . 9.97 23.92 1.31
H23A EIA D . 8.92 24.57 0.11
H25B EIA D . 11.38 24.80 -2.16
H25A EIA D . 9.69 24.97 -1.92
HC32 EIA D . 11.02 22.69 -3.49
HN24 EIA D . 9.23 21.65 0.64
HC1 EIA D . -1.70 18.71 -1.28
HC11 EIA D . 4.87 19.95 -2.35
H14B EIA D . -3.33 17.95 0.59
H14C EIA D . -3.77 17.21 -0.94
H14A EIA D . -3.66 16.22 0.51
H15C EIA D . -0.23 15.28 -2.25
H15B EIA D . -1.95 15.37 -2.58
H15A EIA D . -0.79 15.47 -3.89
HC2 EIA D . -1.74 17.71 -3.30
HC3A EIA D . 1.16 17.07 -3.34
HC3B EIA D . 0.31 18.31 -4.19
HC4 EIA D . 0.40 19.84 -2.35
HC5 EIA D . 0.87 17.27 -0.69
HC6 EIA D . 2.97 18.19 -2.12
HC7 EIA D . 3.53 19.11 -0.27
HC8 EIA D . 1.91 20.49 1.13
HC9 EIA D . -0.17 19.12 1.07
HN31 EIA D . 10.63 24.99 -4.67
HO26 EIA D . 4.86 23.71 -4.63
C FMT E . -6.72 -1.06 -12.70
O1 FMT E . -5.84 -0.21 -12.53
O2 FMT E . -6.57 -1.98 -13.49
H FMT E . -7.64 -1.02 -12.12
HO2 FMT E . -5.71 -2.13 -13.93
C FMT F . -1.08 3.27 3.82
O1 FMT F . -1.53 3.73 2.77
O2 FMT F . 0.12 3.03 3.97
H FMT F . -1.75 3.00 4.63
HO2 FMT F . 0.74 3.18 3.21
C FMT G . 15.59 2.68 -12.37
O1 FMT G . 15.48 3.07 -13.53
O2 FMT G . 15.64 1.47 -12.11
H FMT G . 15.75 3.38 -11.55
HO2 FMT G . 15.82 0.82 -12.83
CHA HEM H . 5.03 -12.70 -4.99
CHB HEM H . 1.84 -13.68 -1.44
CHC HEM H . -1.14 -15.70 -4.70
CHD HEM H . 2.14 -15.00 -8.18
C1A HEM H . 4.42 -12.73 -3.75
C2A HEM H . 4.91 -12.11 -2.54
C3A HEM H . 4.03 -12.38 -1.57
C4A HEM H . 2.95 -13.18 -2.12
CMA HEM H . 4.11 -11.94 -0.10
CAA HEM H . 6.19 -11.28 -2.38
CBA HEM H . 7.26 -12.04 -1.59
CGA HEM H . 8.49 -11.19 -1.42
O1A HEM H . 8.49 -10.02 -1.89
O2A HEM H . 9.47 -11.69 -0.80
C1B HEM H . 0.78 -14.35 -2.01
C2B HEM H . -0.35 -14.91 -1.32
C3B HEM H . -1.16 -15.48 -2.22
C4B HEM H . -0.58 -15.26 -3.52
CMB HEM H . -0.55 -14.88 0.21
CAB HEM H . -2.50 -16.20 -2.02
CBB HEM H . -3.25 -15.99 -0.93
C1C HEM H . -0.56 -15.61 -5.95
C2C HEM H . -1.21 -15.81 -7.22
C3C HEM H . -0.32 -15.63 -8.20
C4C HEM H . 0.94 -15.30 -7.57
CMC HEM H . -2.70 -16.18 -7.44
CAC HEM H . -0.63 -15.75 -9.69
CBC HEM H . 0.32 -15.82 -10.61
C1D HEM H . 3.22 -14.33 -7.63
C2D HEM H . 4.46 -13.97 -8.33
C3D HEM H . 5.25 -13.34 -7.45
C4D HEM H . 4.55 -13.27 -6.16
CMD HEM H . 4.78 -14.28 -9.80
CAD HEM H . 6.65 -12.78 -7.72
CBD HEM H . 6.48 -11.32 -8.07
CGD HEM H . 7.79 -10.60 -8.26
O1D HEM H . 7.79 -9.56 -8.98
O2D HEM H . 8.81 -11.05 -7.70
NA HEM H . 3.23 -13.37 -3.47
NB HEM H . 0.60 -14.59 -3.36
NC HEM H . 0.77 -15.29 -6.20
ND HEM H . 3.31 -13.88 -6.31
FE HEM H . 1.93 -14.19 -4.86
HHB HEM H . 1.81 -13.54 -0.47
HHC HEM H . -2.03 -16.13 -4.65
HHD HEM H . 2.24 -15.30 -9.12
HMA HEM H . 3.31 -12.24 0.38
HMAA HEM H . 4.16 -10.95 -0.05
HMAB HEM H . 4.90 -12.32 0.32
HAA HEM H . 5.99 -10.46 -1.91
HAAA HEM H . 6.55 -11.07 -3.25
HBA HEM H . 7.49 -12.85 -2.07
HBAA HEM H . 6.90 -12.28 -0.71
HMB HEM H . 0.27 -14.57 0.65
HMBA HEM H . -0.76 -15.77 0.54
HMBB HEM H . -1.27 -14.27 0.44
HAB HEM H . -2.82 -16.81 -2.69
HBB HEM H . -4.10 -16.45 -0.82
HBBA HEM H . -2.94 -15.37 -0.24
HMC HEM H . -2.91 -16.99 -6.93
HMCA HEM H . -2.86 -16.36 -8.38
HMCB HEM H . -3.26 -15.45 -7.14
HAC HEM H . -1.55 -15.79 -9.98
HBC HEM H . 0.10 -15.90 -11.55
HBCA HEM H . 1.25 -15.77 -10.34
HMD HEM H . 5.56 -13.77 -10.07
HMDA HEM H . 4.01 -14.02 -10.36
HMDB HEM H . 4.95 -15.24 -9.90
HAD HEM H . 7.06 -13.26 -8.46
HADA HEM H . 7.21 -12.88 -6.93
HBD HEM H . 6.00 -10.89 -7.35
HBDA HEM H . 5.97 -11.25 -8.89
HHA HEM H . 5.89 -12.22 -5.05
C10 EIA I . 8.92 -18.30 -2.64
C13 EIA I . 3.15 -16.76 -0.47
C17 EIA I . 7.83 -19.90 -5.91
C20 EIA I . 8.72 -18.78 -7.99
C21 EIA I . 8.05 -18.75 -6.85
C22 EIA I . 12.17 -20.32 -10.70
C28 EIA I . 11.24 -19.47 -5.33
C12 EIA I . 7.92 -19.43 -4.45
C16 EIA I . 10.46 -19.51 -4.27
C19 EIA I . 9.38 -19.97 -8.57
C23 EIA I . 10.71 -20.72 -10.62
C25 EIA I . 13.06 -20.86 -9.60
C27 EIA I . 12.42 -20.27 -5.54
C29 EIA I . 14.39 -21.03 -6.89
C30 EIA I . 13.20 -20.18 -6.63
C32 EIA I . 13.90 -19.82 -8.84
N24 EIA I . 10.00 -19.77 -9.79
C1 EIA I . 4.54 -17.40 -0.47
C11 EIA I . 9.23 -18.68 -4.09
C14 EIA I . 2.26 -17.21 0.67
C15 EIA I . 5.27 -15.18 0.67
C2 EIA I . 5.61 -16.62 0.34
C3 EIA I . 6.91 -16.77 -0.46
C33 EIA I . 13.08 -19.24 -7.72
C4 EIA I . 6.66 -17.79 -1.56
C5 EIA I . 5.19 -17.47 -1.87
C6 EIA I . 7.54 -17.65 -2.82
C7 EIA I . 6.88 -18.36 -4.04
C8 EIA I . 5.45 -18.80 -3.86
C9 EIA I . 4.64 -18.41 -2.89
N31 EIA I . 14.80 -20.73 -8.14
O18 EIA I . 9.35 -21.08 -8.06
O26 EIA I . 12.71 -21.18 -4.60
O34 EIA I . 14.86 -21.90 -6.15
O35 EIA I . 12.48 -18.18 -7.80
H10B EIA I . 9.66 -17.61 -2.22
H10A EIA I . 8.90 -19.17 -1.98
H13A EIA I . 2.65 -16.97 -1.42
H13B EIA I . 3.24 -15.67 -0.44
H17B EIA I . 8.56 -20.68 -6.11
H17A EIA I . 6.87 -20.36 -6.11
HC20 EIA I . 8.84 -17.88 -8.59
HC21 EIA I . 7.59 -17.82 -6.54
H22B EIA I . 12.58 -20.62 -11.66
H22A EIA I . 12.26 -19.23 -10.72
HC28 EIA I . 11.03 -18.80 -6.16
HC12 EIA I . 7.83 -20.29 -3.78
HC16 EIA I . 10.68 -20.17 -3.44
H23B EIA I . 10.59 -21.72 -10.23
H23A EIA I . 10.26 -20.76 -11.61
H25B EIA I . 12.45 -21.41 -8.89
H25A EIA I . 13.72 -21.63 -10.01
HC32 EIA I . 14.34 -19.01 -9.42
HN24 EIA I . 9.95 -18.82 -10.16
HC1 EIA I . 4.46 -18.40 -0.06
HC11 EIA I . 9.40 -17.79 -4.71
H14B EIA I . 2.13 -18.29 0.66
H14C EIA I . 1.27 -16.77 0.60
H14A EIA I . 2.68 -16.94 1.63
H15C EIA I . 6.06 -14.70 1.23
H15B EIA I . 4.36 -15.11 1.26
H15A EIA I . 5.10 -14.59 -0.25
HC2 EIA I . 5.73 -17.15 1.29
HC3A EIA I . 7.22 -15.81 -0.87
HC3B EIA I . 7.74 -17.07 0.17
HC4 EIA I . 6.79 -18.81 -1.19
HC5 EIA I . 5.10 -16.47 -2.30
HC6 EIA I . 7.67 -16.62 -3.12
HC7 EIA I . 6.79 -17.60 -4.82
HC8 EIA I . 5.12 -19.50 -4.62
HC9 EIA I . 3.60 -18.74 -2.79
HN31 EIA I . 15.65 -21.07 -8.56
HO26 EIA I . 12.02 -21.22 -3.87
C FMT J . 0.63 -13.85 5.58
O1 FMT J . 1.43 -13.39 6.38
O2 FMT J . 0.58 -13.42 4.43
H FMT J . 0.02 -14.73 5.82
HO2 FMT J . 1.19 -12.70 4.15
C FMT K . -4.61 -4.33 2.63
O1 FMT K . -3.62 -4.41 1.91
O2 FMT K . -5.73 -4.30 2.13
H FMT K . -4.51 -4.34 3.71
HO2 FMT K . -5.83 -4.35 1.16
C FMT L . 2.89 -2.09 -3.14
O1 FMT L . 1.70 -1.97 -2.83
O2 FMT L . 3.70 -1.24 -2.79
H FMT L . 3.24 -2.96 -3.71
HO2 FMT L . 3.41 -0.46 -2.28
NA NA M . -2.03 -14.58 4.65
#